data_4X2U
#
_entry.id   4X2U
#
_cell.length_a   75.472
_cell.length_b   108.675
_cell.length_c   118.428
_cell.angle_alpha   90.000
_cell.angle_beta   90.000
_cell.angle_gamma   90.000
#
_symmetry.space_group_name_H-M   'P 21 21 21'
#
loop_
_entity.id
_entity.type
_entity.pdbx_description
1 polymer 'M1 family aminopeptidase'
2 non-polymer 'ZINC ION'
3 non-polymer '(2S)-({(2R)-2-[(1S)-1-hydroxy-2-(hydroxyamino)-2-oxoethyl]-4-methylpentanoyl}amino)(phenyl)ethanoic acid'
4 non-polymer 'MAGNESIUM ION'
5 non-polymer GLYCEROL
6 water water
#
_entity_poly.entity_id   1
_entity_poly.type   'polypeptide(L)'
_entity_poly.pdbx_seq_one_letter_code
;PKIHYRKDYKPSGFIINQVTLNINIHDQETIVRSVLDMDISKHNVGEDLVFDGVGLKINEISINNKKLVEGEEYTYDNEF
LTIFSKFVPKSKFAFSSEVIIHPETNYALTGLYKSKNIIVSQCEATGFRRITFFIDRPDMMAKYDVTVTADKEKYPVLLS
NGDKVNEFEIPGGRHGARFNDPPLKPCYLFAVVAGDLKHLSATYITKYTKKKVELYVFSEEKYVSKLQWALECLKKSMAF
DEDYFGLEYDLSRLNLVAVSDFNVGAMENKGLNIFNANSLLASKKNSIDFSYARILTVVGHEYFHQYTGNRVTLRDWFQL
TLKEGLTVHRENLFSEEMTKTVTTRLSHVDLLRSVQFLEDSSPLSHPIRPESYVSMENFYTTTVYDKGSEVMRMYLTILG
EEYYKKGFDIYIKKNDGNTATCEDFNYAMEQAYKMKKADNSANLNQYLLWFSQSGTPHVSFKYNYDAEKKQYSIHVNQYT
KPDENQKEKKPLFIPISVGLINPENGKEMISQTTLELTKESDTFVFNNIAVKPIPSLFRGFSAPVYIEDQLTDEERILLL
KYDSDAFVRYNSCTNIYMKQILMNYNEFLKAKNEKLESFQLTPVNAQFIDAIKYLLEDPHADAGFKSYIVSLPQDRYIIN
FVSNLDTDVLADTKEYIYKQIGDKLNDVYYKMFKSLEAKADDLTYFNDESHVDFDQMNMRTLRNTLLSLLSKAQYPNILN
EIIEHSKSPYPSNWLTSLSVSAYFDKYFELYDKTYKLSKDDELLLQEWLKTVSRSDRKDIYEILKKLENEVLKDSKNPND
IRAVYLPFTNNLRRFHDISGKGYKLIAEVITKTDKFNPMVATQLCEPFKLWNKLDTKRQELMLNEMNTMLQEPQISNNLK
EYLLRLTNK
;
_entity_poly.pdbx_strand_id   A
#
loop_
_chem_comp.id
_chem_comp.type
_chem_comp.name
_chem_comp.formula
GOL non-polymer GLYCEROL 'C3 H8 O3'
MG non-polymer 'MAGNESIUM ION' 'Mg 2'
TOD non-polymer '(2S)-({(2R)-2-[(1S)-1-hydroxy-2-(hydroxyamino)-2-oxoethyl]-4-methylpentanoyl}amino)(phenyl)ethanoic acid' 'C16 H22 N2 O6'
ZN non-polymer 'ZINC ION' 'Zn 2'
#
# COMPACT_ATOMS: atom_id res chain seq x y z
N PRO A 1 22.15 -18.57 -3.95
CA PRO A 1 20.84 -17.91 -3.98
C PRO A 1 19.90 -18.58 -5.01
N LYS A 2 18.84 -19.25 -4.54
CA LYS A 2 17.95 -20.00 -5.41
C LYS A 2 16.93 -19.09 -6.13
N ILE A 3 16.84 -19.20 -7.46
CA ILE A 3 15.83 -18.41 -8.21
C ILE A 3 14.62 -19.25 -8.59
N HIS A 4 13.43 -18.78 -8.19
CA HIS A 4 12.21 -19.46 -8.57
C HIS A 4 11.64 -18.86 -9.85
N TYR A 5 11.23 -19.70 -10.80
CA TYR A 5 10.73 -19.20 -12.09
C TYR A 5 9.28 -19.54 -12.29
N ARG A 6 8.48 -18.57 -12.77
CA ARG A 6 7.05 -18.77 -12.90
C ARG A 6 6.75 -19.95 -13.79
N LYS A 7 7.54 -20.08 -14.87
CA LYS A 7 7.25 -21.11 -15.84
C LYS A 7 7.57 -22.52 -15.32
N ASP A 8 8.20 -22.59 -14.15
CA ASP A 8 8.58 -23.93 -13.63
C ASP A 8 7.52 -24.54 -12.72
N TYR A 9 6.37 -23.89 -12.52
CA TYR A 9 5.37 -24.40 -11.59
C TYR A 9 5.03 -25.87 -11.89
N LYS A 10 5.06 -26.72 -10.86
CA LYS A 10 4.63 -28.11 -10.99
C LYS A 10 3.99 -28.47 -9.69
N PRO A 11 2.84 -29.17 -9.73
CA PRO A 11 2.26 -29.64 -8.46
C PRO A 11 3.23 -30.56 -7.69
N SER A 12 3.11 -30.57 -6.37
CA SER A 12 3.92 -31.43 -5.49
C SER A 12 3.67 -32.90 -5.73
N GLY A 13 4.72 -33.70 -5.49
CA GLY A 13 4.57 -35.16 -5.39
C GLY A 13 3.89 -35.67 -4.11
N PHE A 14 3.52 -34.76 -3.22
CA PHE A 14 2.86 -35.13 -1.96
C PHE A 14 1.56 -34.38 -1.79
N ILE A 15 0.73 -34.92 -0.89
CA ILE A 15 -0.50 -34.25 -0.48
C ILE A 15 -0.50 -34.17 1.04
N ILE A 16 -0.90 -33.05 1.60
CA ILE A 16 -1.11 -32.98 3.05
C ILE A 16 -2.61 -32.78 3.21
N ASN A 17 -3.28 -33.77 3.80
CA ASN A 17 -4.73 -33.71 3.97
C ASN A 17 -5.15 -33.12 5.29
N GLN A 18 -4.41 -33.47 6.35
CA GLN A 18 -4.80 -32.96 7.67
C GLN A 18 -3.58 -32.53 8.47
N VAL A 19 -3.75 -31.41 9.16
CA VAL A 19 -2.76 -30.89 10.10
C VAL A 19 -3.37 -30.96 11.49
N THR A 20 -2.71 -31.63 12.43
CA THR A 20 -3.14 -31.59 13.83
C THR A 20 -1.96 -31.01 14.63
N LEU A 21 -2.16 -29.81 15.18
CA LEU A 21 -1.12 -29.06 15.89
C LEU A 21 -1.41 -29.00 17.38
N ASN A 22 -0.34 -29.08 18.18
CA ASN A 22 -0.37 -28.76 19.59
C ASN A 22 0.74 -27.72 19.80
N ILE A 23 0.34 -26.51 20.14
CA ILE A 23 1.30 -25.41 20.36
C ILE A 23 1.31 -25.09 21.87
N ASN A 24 2.41 -25.44 22.54
CA ASN A 24 2.49 -25.28 23.98
C ASN A 24 3.43 -24.14 24.34
N ILE A 25 2.85 -23.01 24.74
CA ILE A 25 3.64 -21.81 24.98
C ILE A 25 4.19 -21.83 26.40
N HIS A 26 5.51 -21.77 26.55
CA HIS A 26 6.10 -21.75 27.90
C HIS A 26 6.92 -20.49 28.05
N ASP A 27 7.47 -20.25 29.24
CA ASP A 27 8.16 -18.97 29.47
C ASP A 27 9.40 -18.74 28.60
N GLN A 28 10.22 -19.77 28.44
CA GLN A 28 11.47 -19.60 27.72
C GLN A 28 11.48 -20.26 26.34
N GLU A 29 10.37 -20.90 25.95
CA GLU A 29 10.30 -21.61 24.67
C GLU A 29 8.87 -22.00 24.37
N THR A 30 8.63 -22.34 23.12
CA THR A 30 7.32 -22.86 22.74
C THR A 30 7.56 -24.19 22.05
N ILE A 31 6.81 -25.20 22.47
CA ILE A 31 6.94 -26.56 21.93
C ILE A 31 5.81 -26.78 20.92
N VAL A 32 6.16 -27.20 19.69
CA VAL A 32 5.14 -27.39 18.66
C VAL A 32 5.13 -28.82 18.23
N ARG A 33 4.01 -29.49 18.49
CA ARG A 33 3.86 -30.88 18.03
C ARG A 33 2.89 -30.89 16.87
N SER A 34 3.23 -31.60 15.80
CA SER A 34 2.41 -31.56 14.59
C SER A 34 2.33 -32.95 13.99
N VAL A 35 1.10 -33.41 13.65
CA VAL A 35 0.93 -34.63 12.89
C VAL A 35 0.33 -34.23 11.56
N LEU A 36 1.00 -34.61 10.49
CA LEU A 36 0.51 -34.38 9.11
C LEU A 36 0.02 -35.67 8.50
N ASP A 37 -1.27 -35.73 8.15
CA ASP A 37 -1.78 -36.92 7.48
C ASP A 37 -1.59 -36.69 6.01
N MET A 38 -0.74 -37.51 5.42
CA MET A 38 -0.23 -37.22 4.06
C MET A 38 -0.55 -38.35 3.11
N ASP A 39 -0.31 -38.08 1.83
CA ASP A 39 -0.51 -39.06 0.79
C ASP A 39 0.49 -38.77 -0.31
N ILE A 40 0.58 -39.71 -1.23
CA ILE A 40 1.43 -39.60 -2.41
C ILE A 40 0.55 -39.12 -3.58
N SER A 41 0.93 -38.04 -4.25
CA SER A 41 0.14 -37.51 -5.37
C SER A 41 0.46 -38.19 -6.70
N LYS A 42 -0.41 -37.98 -7.70
CA LYS A 42 -0.21 -38.57 -9.01
C LYS A 42 1.05 -38.02 -9.70
N HIS A 43 1.56 -36.92 -9.18
CA HIS A 43 2.76 -36.31 -9.73
C HIS A 43 4.06 -36.88 -9.12
N ASN A 44 3.92 -37.78 -8.15
CA ASN A 44 5.10 -38.31 -7.46
C ASN A 44 5.99 -39.17 -8.38
N VAL A 45 7.31 -38.98 -8.30
CA VAL A 45 8.27 -39.81 -9.05
C VAL A 45 9.29 -40.46 -8.12
N GLY A 46 8.87 -40.76 -6.89
CA GLY A 46 9.71 -41.49 -5.95
C GLY A 46 10.76 -40.58 -5.31
N GLU A 47 10.50 -39.28 -5.29
CA GLU A 47 11.48 -38.34 -4.76
C GLU A 47 11.58 -38.37 -3.24
N ASP A 48 12.67 -37.81 -2.72
CA ASP A 48 12.78 -37.52 -1.29
C ASP A 48 11.61 -36.68 -0.86
N LEU A 49 11.18 -36.88 0.40
CA LEU A 49 10.22 -35.97 1.00
C LEU A 49 10.96 -34.80 1.64
N VAL A 50 10.75 -33.62 1.09
CA VAL A 50 11.43 -32.44 1.58
C VAL A 50 10.43 -31.44 2.15
N PHE A 51 10.63 -31.10 3.42
CA PHE A 51 9.81 -30.12 4.07
C PHE A 51 10.60 -28.83 4.22
N ASP A 52 9.87 -27.72 4.13
CA ASP A 52 10.37 -26.46 4.62
C ASP A 52 10.34 -26.45 6.12
N GLY A 53 11.39 -25.91 6.74
CA GLY A 53 11.39 -25.71 8.16
C GLY A 53 12.60 -24.85 8.50
N VAL A 54 12.34 -23.64 9.00
CA VAL A 54 13.40 -22.63 9.14
C VAL A 54 13.62 -22.32 10.60
N GLY A 55 14.81 -22.61 11.09
CA GLY A 55 15.14 -22.29 12.46
C GLY A 55 14.44 -23.13 13.51
N LEU A 56 14.04 -24.32 13.14
CA LEU A 56 13.39 -25.21 14.08
C LEU A 56 14.42 -26.03 14.86
N LYS A 57 14.19 -26.26 16.16
CA LYS A 57 15.03 -27.19 16.93
C LYS A 57 14.30 -28.53 17.01
N ILE A 58 14.85 -29.55 16.39
CA ILE A 58 14.14 -30.83 16.32
C ILE A 58 14.30 -31.60 17.65
N ASN A 59 13.18 -32.00 18.25
CA ASN A 59 13.20 -32.95 19.37
C ASN A 59 13.06 -34.34 18.82
N GLU A 60 12.05 -34.54 17.98
CA GLU A 60 11.99 -35.80 17.27
C GLU A 60 11.09 -35.71 16.07
N ILE A 61 11.28 -36.64 15.14
CA ILE A 61 10.41 -36.75 13.98
C ILE A 61 10.17 -38.23 13.74
N SER A 62 8.98 -38.51 13.21
CA SER A 62 8.54 -39.89 13.00
CA SER A 62 8.57 -39.89 12.99
C SER A 62 7.67 -39.98 11.77
N ILE A 63 7.61 -41.20 11.23
CA ILE A 63 6.66 -41.54 10.16
C ILE A 63 5.87 -42.76 10.68
N ASN A 64 4.54 -42.69 10.70
CA ASN A 64 3.69 -43.79 11.22
C ASN A 64 4.14 -44.25 12.61
N ASN A 65 4.46 -43.22 13.43
CA ASN A 65 4.80 -43.43 14.85
C ASN A 65 6.11 -44.22 15.06
N LYS A 66 6.96 -44.25 14.04
CA LYS A 66 8.30 -44.79 14.16
C LYS A 66 9.30 -43.63 14.04
N LYS A 67 10.09 -43.42 15.09
CA LYS A 67 11.05 -42.34 15.18
C LYS A 67 12.09 -42.45 14.07
N LEU A 68 12.37 -41.36 13.37
CA LEU A 68 13.38 -41.35 12.31
C LEU A 68 14.78 -41.04 12.85
N VAL A 69 15.79 -41.65 12.25
CA VAL A 69 17.14 -41.52 12.76
C VAL A 69 17.84 -40.46 11.94
N GLU A 70 18.37 -39.45 12.62
CA GLU A 70 19.10 -38.37 11.96
C GLU A 70 20.36 -38.89 11.24
N GLY A 71 20.62 -38.42 10.03
CA GLY A 71 21.76 -38.89 9.26
C GLY A 71 21.48 -40.10 8.34
N GLU A 72 20.93 -41.15 8.92
CA GLU A 72 20.65 -42.36 8.13
C GLU A 72 19.39 -42.18 7.27
N GLU A 73 18.36 -41.61 7.89
CA GLU A 73 17.01 -41.50 7.29
C GLU A 73 16.54 -40.07 6.98
N TYR A 74 17.14 -39.06 7.65
CA TYR A 74 16.80 -37.67 7.35
C TYR A 74 18.00 -36.80 7.64
N THR A 75 18.05 -35.66 6.95
CA THR A 75 19.00 -34.60 7.28
C THR A 75 18.19 -33.32 7.42
N TYR A 76 18.75 -32.40 8.23
CA TYR A 76 18.14 -31.10 8.45
C TYR A 76 19.24 -30.05 8.46
N ASP A 77 19.11 -29.01 7.65
CA ASP A 77 20.13 -27.98 7.54
C ASP A 77 19.63 -26.59 7.98
N ASN A 78 18.57 -26.59 8.80
CA ASN A 78 17.94 -25.35 9.33
C ASN A 78 17.09 -24.59 8.33
N GLU A 79 16.86 -25.20 7.16
CA GLU A 79 16.03 -24.63 6.12
C GLU A 79 15.13 -25.68 5.51
N PHE A 80 15.70 -26.87 5.26
CA PHE A 80 14.96 -27.97 4.65
C PHE A 80 15.20 -29.24 5.47
N LEU A 81 14.12 -29.95 5.72
CA LEU A 81 14.17 -31.29 6.32
C LEU A 81 14.02 -32.24 5.15
N THR A 82 15.02 -33.09 4.93
CA THR A 82 14.96 -34.05 3.83
C THR A 82 14.82 -35.48 4.37
N ILE A 83 13.74 -36.15 4.05
CA ILE A 83 13.61 -37.56 4.43
C ILE A 83 13.88 -38.38 3.19
N PHE A 84 14.86 -39.30 3.26
CA PHE A 84 15.28 -39.98 2.06
C PHE A 84 14.16 -40.92 1.60
N SER A 85 13.99 -40.98 0.30
CA SER A 85 12.81 -41.62 -0.31
C SER A 85 12.61 -43.07 0.08
N LYS A 86 13.70 -43.80 0.30
CA LYS A 86 13.53 -45.18 0.69
C LYS A 86 12.81 -45.32 2.05
N PHE A 87 12.70 -44.24 2.82
CA PHE A 87 12.01 -44.25 4.11
C PHE A 87 10.64 -43.60 4.06
N VAL A 88 10.25 -43.14 2.87
CA VAL A 88 8.94 -42.52 2.66
C VAL A 88 7.91 -43.55 2.21
N PRO A 89 6.73 -43.60 2.85
CA PRO A 89 5.76 -44.63 2.45
C PRO A 89 5.21 -44.42 1.03
N LYS A 90 4.64 -45.45 0.42
CA LYS A 90 4.08 -45.27 -0.93
C LYS A 90 2.56 -45.10 -0.93
N SER A 91 1.96 -45.00 0.25
CA SER A 91 0.54 -44.67 0.31
CA SER A 91 0.53 -44.78 0.39
C SER A 91 0.30 -43.81 1.54
N LYS A 92 -0.97 -43.61 1.90
CA LYS A 92 -1.30 -42.68 3.00
C LYS A 92 -0.47 -42.94 4.25
N PHE A 93 0.08 -41.89 4.82
CA PHE A 93 0.93 -42.06 6.00
C PHE A 93 0.84 -40.85 6.90
N ALA A 94 1.32 -40.99 8.12
CA ALA A 94 1.38 -39.86 9.05
C ALA A 94 2.82 -39.43 9.27
N PHE A 95 3.09 -38.15 9.14
CA PHE A 95 4.39 -37.59 9.52
C PHE A 95 4.19 -36.80 10.78
N SER A 96 5.07 -37.01 11.78
CA SER A 96 4.89 -36.26 13.01
C SER A 96 6.23 -35.67 13.46
N SER A 97 6.16 -34.56 14.16
CA SER A 97 7.38 -33.94 14.67
C SER A 97 7.09 -33.15 15.92
N GLU A 98 8.13 -32.96 16.73
CA GLU A 98 8.06 -32.02 17.85
C GLU A 98 9.28 -31.14 17.74
N VAL A 99 9.04 -29.84 17.66
CA VAL A 99 10.14 -28.86 17.53
C VAL A 99 10.01 -27.82 18.59
N ILE A 100 11.11 -27.14 18.85
CA ILE A 100 11.14 -26.03 19.80
C ILE A 100 11.40 -24.72 19.02
N ILE A 101 10.60 -23.70 19.29
CA ILE A 101 10.78 -22.34 18.74
C ILE A 101 10.74 -21.34 19.89
N HIS A 102 11.11 -20.09 19.61
CA HIS A 102 11.35 -19.11 20.68
C HIS A 102 10.70 -17.77 20.31
N PRO A 103 9.39 -17.67 20.48
CA PRO A 103 8.77 -16.41 20.03
C PRO A 103 9.31 -15.14 20.74
N GLU A 104 9.79 -15.27 21.97
CA GLU A 104 10.29 -14.11 22.72
C GLU A 104 11.41 -13.38 22.01
N THR A 105 12.21 -14.11 21.26
CA THR A 105 13.37 -13.51 20.63
C THR A 105 13.23 -13.42 19.11
N ASN A 106 12.03 -13.67 18.63
CA ASN A 106 11.76 -13.59 17.20
C ASN A 106 11.44 -12.13 16.83
N TYR A 107 12.49 -11.34 16.64
CA TYR A 107 12.33 -9.94 16.31
C TYR A 107 12.07 -9.67 14.83
N ALA A 108 12.10 -10.71 14.02
CA ALA A 108 11.82 -10.57 12.58
C ALA A 108 10.30 -10.53 12.30
N LEU A 109 9.50 -10.90 13.31
CA LEU A 109 8.04 -10.78 13.27
C LEU A 109 7.42 -11.60 12.11
N THR A 110 8.03 -12.76 11.90
CA THR A 110 7.52 -13.72 10.93
CA THR A 110 7.57 -13.71 10.92
C THR A 110 7.58 -15.08 11.61
N GLY A 111 6.53 -15.87 11.43
CA GLY A 111 6.49 -17.12 12.19
C GLY A 111 5.68 -16.83 13.47
N LEU A 112 6.08 -17.40 14.61
CA LEU A 112 5.41 -17.13 15.88
C LEU A 112 6.25 -16.18 16.70
N TYR A 113 5.67 -15.08 17.15
CA TYR A 113 6.50 -14.13 17.87
C TYR A 113 5.74 -13.43 18.94
N LYS A 114 6.48 -12.68 19.76
CA LYS A 114 5.91 -11.98 20.91
C LYS A 114 5.88 -10.48 20.58
N SER A 115 4.70 -9.89 20.64
CA SER A 115 4.58 -8.44 20.48
C SER A 115 4.10 -7.88 21.83
N LYS A 116 4.99 -7.22 22.57
CA LYS A 116 4.69 -6.77 23.92
C LYS A 116 4.27 -8.02 24.70
N ASN A 117 3.03 -8.09 25.18
CA ASN A 117 2.64 -9.28 25.97
C ASN A 117 1.66 -10.21 25.23
N ILE A 118 1.65 -10.10 23.91
CA ILE A 118 0.79 -10.93 23.06
C ILE A 118 1.64 -11.85 22.21
N ILE A 119 1.32 -13.13 22.20
CA ILE A 119 1.91 -14.05 21.26
C ILE A 119 1.10 -14.08 19.99
N VAL A 120 1.71 -13.98 18.81
CA VAL A 120 0.93 -13.81 17.62
C VAL A 120 1.71 -14.45 16.45
N SER A 121 1.02 -14.97 15.44
CA SER A 121 1.75 -15.48 14.28
C SER A 121 1.61 -14.58 13.09
N GLN A 122 2.59 -14.68 12.19
CA GLN A 122 2.44 -14.06 10.86
C GLN A 122 3.03 -15.07 9.89
N CYS A 123 2.20 -15.65 9.02
CA CYS A 123 2.64 -16.75 8.18
C CYS A 123 2.78 -16.37 6.70
N GLU A 124 2.05 -15.35 6.23
CA GLU A 124 2.26 -14.96 4.81
C GLU A 124 3.60 -14.25 4.66
N ALA A 125 4.41 -14.56 3.62
CA ALA A 125 4.21 -15.68 2.68
C ALA A 125 4.83 -16.99 3.15
N THR A 126 6.03 -16.90 3.76
CA THR A 126 6.83 -18.09 4.10
C THR A 126 7.09 -18.21 5.62
N GLY A 127 6.12 -17.82 6.44
CA GLY A 127 6.39 -17.87 7.88
C GLY A 127 5.86 -19.15 8.54
N PHE A 128 4.95 -19.91 7.92
CA PHE A 128 4.44 -21.15 8.60
C PHE A 128 5.61 -22.13 8.82
N ARG A 129 6.57 -22.17 7.88
CA ARG A 129 7.75 -23.05 8.08
C ARG A 129 8.66 -22.63 9.26
N ARG A 130 8.42 -21.43 9.82
CA ARG A 130 9.16 -21.04 11.01
C ARG A 130 8.43 -21.51 12.24
N ILE A 131 7.28 -22.16 12.07
CA ILE A 131 6.52 -22.67 13.21
C ILE A 131 6.63 -24.19 13.23
N THR A 132 6.48 -24.85 12.09
CA THR A 132 6.66 -26.27 12.06
C THR A 132 6.99 -26.69 10.64
N PHE A 133 7.35 -27.97 10.45
CA PHE A 133 7.66 -28.45 9.10
C PHE A 133 6.43 -28.49 8.23
N PHE A 134 6.60 -28.11 6.95
CA PHE A 134 5.48 -28.13 6.04
C PHE A 134 5.99 -28.07 4.60
N ILE A 135 5.14 -28.41 3.65
CA ILE A 135 5.44 -28.07 2.26
C ILE A 135 4.80 -26.68 2.03
N ASP A 136 5.58 -25.63 2.31
CA ASP A 136 5.03 -24.30 2.62
C ASP A 136 4.84 -23.51 1.35
N ARG A 137 3.74 -23.83 0.67
CA ARG A 137 3.37 -23.22 -0.62
C ARG A 137 1.84 -23.25 -0.69
N PRO A 138 1.24 -22.28 -1.38
CA PRO A 138 -0.20 -22.07 -1.20
C PRO A 138 -1.05 -23.11 -1.92
N ASP A 139 -0.49 -23.92 -2.80
CA ASP A 139 -1.33 -25.00 -3.36
C ASP A 139 -1.45 -26.24 -2.50
N MET A 140 -0.83 -26.24 -1.31
CA MET A 140 -0.91 -27.42 -0.42
C MET A 140 -2.03 -27.14 0.55
N MET A 141 -3.25 -27.45 0.14
CA MET A 141 -4.46 -27.22 0.92
C MET A 141 -4.71 -28.36 1.88
N ALA A 142 -5.05 -28.03 3.11
CA ALA A 142 -5.27 -29.02 4.16
C ALA A 142 -6.32 -28.54 5.18
N LYS A 143 -6.83 -29.50 5.96
CA LYS A 143 -7.68 -29.24 7.12
C LYS A 143 -6.80 -29.03 8.38
N TYR A 144 -7.22 -28.20 9.31
CA TYR A 144 -6.41 -27.87 10.49
C TYR A 144 -7.18 -28.11 11.75
N ASP A 145 -6.55 -28.80 12.72
CA ASP A 145 -7.12 -29.05 14.04
C ASP A 145 -6.01 -28.58 14.97
N VAL A 146 -6.23 -27.47 15.70
CA VAL A 146 -5.13 -26.80 16.42
C VAL A 146 -5.46 -26.61 17.91
N THR A 147 -4.55 -27.04 18.78
CA THR A 147 -4.68 -26.85 20.21
C THR A 147 -3.54 -25.95 20.66
N VAL A 148 -3.89 -24.94 21.43
CA VAL A 148 -2.93 -24.04 22.01
C VAL A 148 -3.03 -24.14 23.50
N THR A 149 -1.88 -24.21 24.19
CA THR A 149 -1.91 -24.20 25.64
C THR A 149 -0.95 -23.14 26.15
N ALA A 150 -1.21 -22.63 27.34
CA ALA A 150 -0.44 -21.48 27.86
C ALA A 150 -0.74 -21.21 29.31
N ASP A 151 0.09 -20.40 29.94
CA ASP A 151 -0.21 -19.89 31.27
C ASP A 151 -1.51 -19.09 31.23
N LYS A 152 -2.46 -19.44 32.09
CA LYS A 152 -3.77 -18.81 32.02
C LYS A 152 -3.77 -17.33 32.42
N GLU A 153 -2.99 -16.99 33.45
CA GLU A 153 -2.96 -15.60 33.92
C GLU A 153 -2.34 -14.67 32.87
N LYS A 154 -1.26 -15.13 32.24
CA LYS A 154 -0.57 -14.34 31.21
C LYS A 154 -1.35 -14.29 29.88
N TYR A 155 -2.00 -15.42 29.56
CA TYR A 155 -2.59 -15.62 28.23
C TYR A 155 -4.05 -16.13 28.29
N PRO A 156 -4.98 -15.34 28.86
CA PRO A 156 -6.33 -15.90 29.07
C PRO A 156 -7.13 -16.03 27.81
N VAL A 157 -6.77 -15.28 26.76
CA VAL A 157 -7.49 -15.39 25.51
C VAL A 157 -6.65 -16.10 24.48
N LEU A 158 -7.19 -17.21 23.99
CA LEU A 158 -6.53 -18.07 23.01
C LEU A 158 -7.40 -18.07 21.76
N LEU A 159 -6.80 -17.83 20.60
CA LEU A 159 -7.52 -17.79 19.32
C LEU A 159 -6.77 -18.55 18.22
N SER A 160 -7.50 -19.29 17.38
CA SER A 160 -6.94 -19.76 16.12
C SER A 160 -8.11 -19.79 15.11
N ASN A 161 -7.84 -20.28 13.91
CA ASN A 161 -8.90 -20.37 12.91
C ASN A 161 -9.94 -21.42 13.25
N GLY A 162 -11.17 -21.22 12.77
CA GLY A 162 -12.22 -22.23 12.87
C GLY A 162 -13.00 -22.13 14.20
N ASP A 163 -13.68 -23.21 14.54
CA ASP A 163 -14.53 -23.21 15.73
C ASP A 163 -13.74 -23.57 16.98
N LYS A 164 -13.95 -22.84 18.08
CA LYS A 164 -13.38 -23.29 19.33
C LYS A 164 -14.20 -24.46 19.82
N VAL A 165 -13.62 -25.65 19.83
CA VAL A 165 -14.45 -26.80 20.15
C VAL A 165 -14.24 -27.34 21.56
N ASN A 166 -13.12 -26.98 22.18
CA ASN A 166 -12.91 -27.34 23.56
C ASN A 166 -12.07 -26.27 24.29
N GLU A 167 -12.30 -26.17 25.60
CA GLU A 167 -11.48 -25.34 26.49
C GLU A 167 -11.25 -26.19 27.71
N PHE A 168 -10.02 -26.18 28.22
CA PHE A 168 -9.69 -27.05 29.33
C PHE A 168 -8.60 -26.46 30.22
N GLU A 169 -8.67 -26.85 31.49
CA GLU A 169 -7.69 -26.50 32.51
C GLU A 169 -6.56 -27.50 32.48
N ILE A 170 -5.35 -27.05 32.79
CA ILE A 170 -4.15 -27.87 32.82
C ILE A 170 -3.45 -27.60 34.15
N PRO A 171 -2.89 -28.63 34.81
CA PRO A 171 -2.19 -28.39 36.08
C PRO A 171 -1.09 -27.34 36.00
N GLY A 172 -0.83 -26.70 37.13
CA GLY A 172 0.22 -25.69 37.18
C GLY A 172 -0.14 -24.35 36.53
N GLY A 173 -1.41 -24.00 36.58
CA GLY A 173 -1.84 -22.66 36.20
C GLY A 173 -1.97 -22.44 34.71
N ARG A 174 -2.08 -23.52 33.95
CA ARG A 174 -2.21 -23.47 32.50
C ARG A 174 -3.62 -23.79 32.03
N HIS A 175 -3.90 -23.46 30.76
CA HIS A 175 -5.14 -23.88 30.15
C HIS A 175 -4.90 -24.05 28.65
N GLY A 176 -5.86 -24.71 28.01
CA GLY A 176 -5.76 -24.94 26.59
C GLY A 176 -7.06 -24.68 25.88
N ALA A 177 -6.97 -24.51 24.56
CA ALA A 177 -8.15 -24.41 23.73
C ALA A 177 -7.90 -25.13 22.41
N ARG A 178 -8.90 -25.87 21.94
CA ARG A 178 -8.84 -26.59 20.68
C ARG A 178 -9.74 -25.91 19.67
N PHE A 179 -9.20 -25.71 18.49
CA PHE A 179 -9.88 -25.03 17.38
C PHE A 179 -9.88 -25.98 16.19
N ASN A 180 -11.06 -26.34 15.67
CA ASN A 180 -11.10 -27.18 14.47
C ASN A 180 -11.62 -26.38 13.32
N ASP A 181 -10.88 -26.41 12.23
CA ASP A 181 -11.20 -25.59 11.02
C ASP A 181 -11.30 -26.60 9.83
N PRO A 182 -12.47 -27.19 9.60
CA PRO A 182 -12.51 -28.26 8.58
C PRO A 182 -12.34 -27.83 7.12
N PRO A 183 -12.76 -26.64 6.72
CA PRO A 183 -12.58 -26.30 5.30
C PRO A 183 -11.09 -26.23 4.94
N LEU A 184 -10.75 -26.69 3.75
CA LEU A 184 -9.35 -26.63 3.31
C LEU A 184 -8.82 -25.19 3.28
N LYS A 185 -7.53 -25.00 3.61
CA LYS A 185 -6.86 -23.71 3.42
C LYS A 185 -5.39 -23.89 3.21
N PRO A 186 -4.73 -22.93 2.56
CA PRO A 186 -3.27 -22.91 2.52
C PRO A 186 -2.70 -22.52 3.87
N CYS A 187 -1.45 -22.94 4.15
CA CYS A 187 -0.88 -22.71 5.47
C CYS A 187 -0.59 -21.25 5.74
N TYR A 188 -0.47 -20.37 4.71
CA TYR A 188 -0.20 -18.99 5.06
C TYR A 188 -1.40 -18.30 5.71
N LEU A 189 -2.59 -18.93 5.65
CA LEU A 189 -3.81 -18.34 6.30
C LEU A 189 -4.02 -18.89 7.72
N PHE A 190 -3.12 -19.76 8.18
CA PHE A 190 -3.13 -20.21 9.57
C PHE A 190 -2.78 -19.02 10.46
N ALA A 191 -3.42 -18.91 11.61
CA ALA A 191 -2.96 -17.97 12.66
C ALA A 191 -3.27 -18.49 14.05
N VAL A 192 -2.50 -18.00 15.01
CA VAL A 192 -2.78 -18.17 16.40
C VAL A 192 -2.46 -16.90 17.15
N VAL A 193 -3.22 -16.67 18.21
CA VAL A 193 -3.00 -15.51 19.07
C VAL A 193 -3.22 -15.89 20.49
N ALA A 194 -2.38 -15.44 21.41
CA ALA A 194 -2.58 -15.70 22.83
C ALA A 194 -2.26 -14.40 23.58
N GLY A 195 -3.13 -13.95 24.48
CA GLY A 195 -2.81 -12.80 25.29
C GLY A 195 -3.91 -12.37 26.20
N ASP A 196 -3.67 -11.29 26.93
CA ASP A 196 -4.69 -10.79 27.84
C ASP A 196 -5.48 -9.73 27.08
N LEU A 197 -6.26 -10.20 26.11
CA LEU A 197 -6.93 -9.32 25.19
C LEU A 197 -8.27 -8.89 25.71
N LYS A 198 -8.65 -7.64 25.41
CA LYS A 198 -9.97 -7.14 25.75
C LYS A 198 -10.67 -6.93 24.43
N HIS A 199 -12.00 -6.86 24.43
CA HIS A 199 -12.69 -6.72 23.15
C HIS A 199 -13.92 -5.82 23.16
N LEU A 200 -14.32 -5.45 21.94
CA LEU A 200 -15.70 -5.05 21.66
C LEU A 200 -16.33 -6.07 20.74
N SER A 201 -17.65 -6.19 20.76
CA SER A 201 -18.24 -7.15 19.85
C SER A 201 -19.59 -6.66 19.36
N ALA A 202 -20.03 -7.28 18.28
CA ALA A 202 -21.35 -7.01 17.74
C ALA A 202 -21.87 -8.24 16.98
N THR A 203 -23.15 -8.26 16.68
CA THR A 203 -23.67 -9.30 15.81
C THR A 203 -24.13 -8.68 14.48
N TYR A 204 -23.75 -9.28 13.36
CA TYR A 204 -24.16 -8.89 12.03
C TYR A 204 -25.04 -9.98 11.42
N ILE A 205 -26.16 -9.61 10.81
CA ILE A 205 -27.04 -10.60 10.18
C ILE A 205 -26.89 -10.45 8.67
N THR A 206 -26.55 -11.53 7.97
CA THR A 206 -26.26 -11.43 6.54
C THR A 206 -27.55 -11.14 5.76
N LYS A 207 -27.35 -10.58 4.58
CA LYS A 207 -28.43 -10.02 3.80
C LYS A 207 -29.41 -11.06 3.26
N TYR A 208 -28.87 -12.20 2.85
CA TYR A 208 -29.68 -13.16 2.12
C TYR A 208 -30.01 -14.40 2.94
N THR A 209 -28.98 -15.07 3.43
CA THR A 209 -29.15 -16.25 4.25
C THR A 209 -29.62 -15.90 5.66
N LYS A 210 -29.51 -14.63 6.04
CA LYS A 210 -29.85 -14.17 7.40
C LYS A 210 -29.07 -14.93 8.51
N LYS A 211 -27.83 -15.29 8.23
CA LYS A 211 -26.94 -15.95 9.20
C LYS A 211 -26.47 -14.91 10.23
N LYS A 212 -26.50 -15.26 11.51
CA LYS A 212 -25.91 -14.40 12.53
C LYS A 212 -24.40 -14.57 12.54
N VAL A 213 -23.66 -13.46 12.36
CA VAL A 213 -22.21 -13.53 12.42
C VAL A 213 -21.73 -12.74 13.62
N GLU A 214 -20.91 -13.36 14.47
CA GLU A 214 -20.39 -12.65 15.65
C GLU A 214 -19.12 -11.92 15.21
N LEU A 215 -19.04 -10.63 15.51
CA LEU A 215 -17.86 -9.83 15.19
C LEU A 215 -17.12 -9.47 16.48
N TYR A 216 -15.83 -9.76 16.56
CA TYR A 216 -15.03 -9.39 17.73
C TYR A 216 -13.82 -8.61 17.32
N VAL A 217 -13.54 -7.51 18.02
CA VAL A 217 -12.30 -6.76 17.78
C VAL A 217 -11.56 -6.67 19.11
N PHE A 218 -10.25 -6.98 19.06
CA PHE A 218 -9.46 -7.23 20.26
C PHE A 218 -8.25 -6.32 20.29
N SER A 219 -7.87 -5.87 21.47
CA SER A 219 -6.59 -5.20 21.67
C SER A 219 -6.13 -5.44 23.14
N GLU A 220 -4.93 -4.97 23.46
CA GLU A 220 -4.53 -4.88 24.86
C GLU A 220 -5.50 -3.97 25.61
N GLU A 221 -5.60 -4.19 26.91
CA GLU A 221 -6.60 -3.53 27.73
C GLU A 221 -6.49 -2.00 27.65
N LYS A 222 -5.26 -1.48 27.61
CA LYS A 222 -5.05 -0.03 27.65
C LYS A 222 -5.76 0.71 26.53
N TYR A 223 -5.94 0.03 25.40
CA TYR A 223 -6.43 0.72 24.20
C TYR A 223 -7.77 0.19 23.68
N VAL A 224 -8.48 -0.61 24.47
CA VAL A 224 -9.66 -1.26 23.95
C VAL A 224 -10.77 -0.23 23.57
N SER A 225 -10.72 0.95 24.17
CA SER A 225 -11.69 1.98 23.81
C SER A 225 -11.48 2.53 22.40
N LYS A 226 -10.30 2.29 21.85
CA LYS A 226 -10.01 2.77 20.50
C LYS A 226 -10.50 1.82 19.41
N LEU A 227 -11.25 0.77 19.78
CA LEU A 227 -11.61 -0.26 18.78
C LEU A 227 -12.94 0.04 18.06
N GLN A 228 -13.68 1.09 18.48
CA GLN A 228 -15.08 1.22 18.03
C GLN A 228 -15.13 1.51 16.51
N TRP A 229 -14.24 2.38 15.99
CA TRP A 229 -14.34 2.72 14.58
C TRP A 229 -14.04 1.46 13.71
N ALA A 230 -13.05 0.65 14.12
CA ALA A 230 -12.78 -0.59 13.39
C ALA A 230 -14.02 -1.50 13.27
N LEU A 231 -14.77 -1.63 14.37
CA LEU A 231 -15.97 -2.45 14.38
C LEU A 231 -16.98 -1.86 13.41
N GLU A 232 -17.11 -0.52 13.35
CA GLU A 232 -18.03 0.06 12.38
C GLU A 232 -17.54 -0.21 10.95
N CYS A 233 -16.24 -0.11 10.75
CA CYS A 233 -15.68 -0.34 9.40
C CYS A 233 -15.96 -1.77 8.95
N LEU A 234 -15.91 -2.71 9.91
CA LEU A 234 -16.10 -4.10 9.53
C LEU A 234 -17.55 -4.32 9.11
N LYS A 235 -18.47 -3.74 9.88
CA LYS A 235 -19.88 -3.80 9.47
C LYS A 235 -20.10 -3.18 8.06
N LYS A 236 -19.48 -2.03 7.81
CA LYS A 236 -19.58 -1.40 6.50
C LYS A 236 -19.04 -2.28 5.37
N SER A 237 -17.95 -3.01 5.65
CA SER A 237 -17.26 -3.82 4.65
C SER A 237 -18.19 -4.97 4.30
N MET A 238 -18.75 -5.60 5.33
CA MET A 238 -19.67 -6.72 5.09
C MET A 238 -20.85 -6.30 4.23
N ALA A 239 -21.42 -5.14 4.57
CA ALA A 239 -22.57 -4.62 3.82
C ALA A 239 -22.20 -4.32 2.38
N PHE A 240 -21.02 -3.73 2.14
CA PHE A 240 -20.66 -3.43 0.76
C PHE A 240 -20.45 -4.69 -0.07
N ASP A 241 -19.83 -5.74 0.47
CA ASP A 241 -19.62 -6.93 -0.37
C ASP A 241 -21.00 -7.52 -0.68
N GLU A 242 -21.94 -7.39 0.27
CA GLU A 242 -23.30 -7.86 0.03
C GLU A 242 -23.97 -7.04 -1.07
N ASP A 243 -23.83 -5.72 -0.97
CA ASP A 243 -24.62 -4.83 -1.78
C ASP A 243 -24.09 -4.71 -3.20
N TYR A 244 -22.77 -4.62 -3.35
CA TYR A 244 -22.18 -4.45 -4.67
C TYR A 244 -21.98 -5.80 -5.34
N PHE A 245 -21.42 -6.75 -4.61
CA PHE A 245 -21.03 -8.02 -5.21
C PHE A 245 -21.97 -9.21 -4.91
N GLY A 246 -22.92 -8.99 -4.02
CA GLY A 246 -23.85 -10.07 -3.64
C GLY A 246 -23.19 -11.19 -2.83
N LEU A 247 -22.15 -10.87 -2.07
CA LEU A 247 -21.31 -11.83 -1.37
C LEU A 247 -21.46 -11.72 0.14
N GLU A 248 -21.91 -12.82 0.77
CA GLU A 248 -22.01 -12.88 2.23
C GLU A 248 -20.87 -13.60 2.90
N TYR A 249 -20.61 -13.25 4.15
CA TYR A 249 -19.65 -13.98 4.95
C TYR A 249 -20.21 -15.36 5.29
N ASP A 250 -19.33 -16.36 5.24
CA ASP A 250 -19.71 -17.76 5.33
C ASP A 250 -19.46 -18.42 6.70
N LEU A 251 -18.76 -17.75 7.62
CA LEU A 251 -18.41 -18.34 8.91
C LEU A 251 -19.18 -17.73 10.08
N SER A 252 -19.16 -18.41 11.23
CA SER A 252 -19.97 -17.96 12.38
C SER A 252 -19.40 -16.73 13.08
N ARG A 253 -18.13 -16.47 12.85
CA ARG A 253 -17.42 -15.47 13.65
C ARG A 253 -16.30 -14.88 12.85
N LEU A 254 -16.04 -13.59 13.07
CA LEU A 254 -14.87 -12.97 12.50
C LEU A 254 -14.17 -12.18 13.62
N ASN A 255 -12.88 -12.43 13.83
CA ASN A 255 -12.09 -11.75 14.84
C ASN A 255 -11.07 -10.82 14.20
N LEU A 256 -10.99 -9.58 14.69
CA LEU A 256 -9.89 -8.66 14.31
C LEU A 256 -9.02 -8.44 15.55
N VAL A 257 -7.70 -8.53 15.42
CA VAL A 257 -6.82 -8.36 16.59
C VAL A 257 -5.73 -7.36 16.28
N ALA A 258 -5.56 -6.38 17.16
CA ALA A 258 -4.45 -5.41 17.04
C ALA A 258 -3.23 -5.83 17.83
N VAL A 259 -2.06 -5.73 17.20
CA VAL A 259 -0.79 -5.95 17.92
C VAL A 259 0.14 -4.78 17.61
N SER A 260 1.04 -4.50 18.55
CA SER A 260 1.88 -3.32 18.42
C SER A 260 3.05 -3.47 17.44
N ASP A 261 3.52 -4.71 17.22
CA ASP A 261 4.73 -4.97 16.43
C ASP A 261 4.28 -5.75 15.19
N PHE A 262 4.34 -5.12 14.01
CA PHE A 262 3.79 -5.78 12.83
C PHE A 262 4.56 -5.22 11.65
N ASN A 263 4.98 -6.09 10.75
CA ASN A 263 5.83 -5.61 9.65
C ASN A 263 5.05 -4.83 8.62
N VAL A 264 3.76 -5.12 8.48
CA VAL A 264 2.96 -4.35 7.50
C VAL A 264 1.72 -3.78 8.18
N GLY A 265 0.63 -3.60 7.43
CA GLY A 265 -0.60 -3.06 7.99
C GLY A 265 -1.55 -4.09 8.61
N ALA A 266 -1.75 -5.22 7.95
CA ALA A 266 -2.62 -6.27 8.53
C ALA A 266 -2.48 -7.49 7.67
N MET A 267 -3.20 -8.53 8.05
CA MET A 267 -3.11 -9.85 7.41
C MET A 267 -4.45 -10.55 7.52
N GLU A 268 -4.85 -11.18 6.42
CA GLU A 268 -6.19 -11.74 6.32
C GLU A 268 -6.38 -13.20 6.76
N ASN A 269 -5.78 -13.59 7.85
CA ASN A 269 -5.93 -15.01 8.24
C ASN A 269 -7.37 -15.34 8.44
N LYS A 270 -7.77 -16.53 8.03
CA LYS A 270 -9.20 -16.83 7.86
C LYS A 270 -9.94 -16.77 9.20
N GLY A 271 -10.93 -15.88 9.28
CA GLY A 271 -11.65 -15.65 10.54
C GLY A 271 -10.90 -14.98 11.69
N LEU A 272 -9.63 -14.64 11.45
CA LEU A 272 -8.72 -14.18 12.50
C LEU A 272 -7.76 -13.19 11.87
N ASN A 273 -8.28 -12.03 11.46
CA ASN A 273 -7.45 -11.00 10.83
C ASN A 273 -6.62 -10.27 11.86
N ILE A 274 -5.32 -10.13 11.59
CA ILE A 274 -4.41 -9.56 12.58
C ILE A 274 -3.85 -8.25 12.01
N PHE A 275 -3.83 -7.19 12.85
CA PHE A 275 -3.55 -5.82 12.39
C PHE A 275 -2.40 -5.20 13.15
N ASN A 276 -1.56 -4.46 12.42
CA ASN A 276 -0.80 -3.41 13.07
C ASN A 276 -1.79 -2.55 13.83
N ALA A 277 -1.52 -2.30 15.10
CA ALA A 277 -2.35 -1.38 15.87
C ALA A 277 -2.59 -0.05 15.13
N ASN A 278 -1.60 0.48 14.41
CA ASN A 278 -1.88 1.73 13.74
C ASN A 278 -2.91 1.65 12.61
N SER A 279 -3.36 0.45 12.25
CA SER A 279 -4.35 0.29 11.20
C SER A 279 -5.65 -0.29 11.74
N LEU A 280 -5.82 -0.33 13.06
CA LEU A 280 -7.07 -0.77 13.67
C LEU A 280 -7.58 0.17 14.76
N LEU A 281 -6.67 0.84 15.48
CA LEU A 281 -7.08 1.62 16.66
C LEU A 281 -7.11 3.11 16.36
N ALA A 282 -8.17 3.78 16.79
CA ALA A 282 -8.23 5.25 16.65
C ALA A 282 -9.16 5.81 17.71
N SER A 283 -8.89 7.04 18.11
CA SER A 283 -9.89 7.82 18.83
C SER A 283 -9.78 9.28 18.39
N LYS A 284 -10.84 10.05 18.58
CA LYS A 284 -10.80 11.45 18.15
C LYS A 284 -9.75 12.23 18.97
N LYS A 285 -9.52 11.83 20.22
CA LYS A 285 -8.61 12.56 21.08
C LYS A 285 -7.16 12.21 20.78
N ASN A 286 -6.93 10.95 20.39
CA ASN A 286 -5.57 10.44 20.37
C ASN A 286 -5.08 9.96 18.99
N SER A 287 -5.81 10.34 17.93
CA SER A 287 -5.39 9.98 16.54
C SER A 287 -5.54 11.14 15.60
N ILE A 288 -4.65 11.20 14.62
CA ILE A 288 -4.82 12.17 13.53
C ILE A 288 -5.93 11.68 12.60
N ASP A 289 -6.48 12.63 11.85
CA ASP A 289 -7.57 12.27 10.93
C ASP A 289 -7.24 11.13 10.00
N PHE A 290 -6.01 11.03 9.52
CA PHE A 290 -5.65 10.05 8.53
C PHE A 290 -5.92 8.64 9.08
N SER A 291 -5.87 8.45 10.41
CA SER A 291 -6.19 7.12 10.95
C SER A 291 -7.55 6.61 10.52
N TYR A 292 -8.52 7.52 10.37
CA TYR A 292 -9.89 7.06 10.10
C TYR A 292 -10.00 6.45 8.70
N ALA A 293 -9.46 7.07 7.63
CA ALA A 293 -9.47 6.43 6.34
C ALA A 293 -8.56 5.25 6.30
N ARG A 294 -7.48 5.26 7.09
CA ARG A 294 -6.55 4.12 7.05
C ARG A 294 -7.24 2.90 7.57
N ILE A 295 -7.90 3.03 8.71
CA ILE A 295 -8.59 1.87 9.30
C ILE A 295 -9.71 1.39 8.40
N LEU A 296 -10.45 2.32 7.80
CA LEU A 296 -11.46 1.90 6.84
C LEU A 296 -10.88 1.10 5.68
N THR A 297 -9.77 1.58 5.13
CA THR A 297 -9.07 0.87 4.08
C THR A 297 -8.56 -0.51 4.49
N VAL A 298 -7.92 -0.60 5.65
CA VAL A 298 -7.23 -1.83 6.00
C VAL A 298 -8.24 -2.86 6.50
N VAL A 299 -9.24 -2.46 7.32
CA VAL A 299 -10.28 -3.40 7.66
C VAL A 299 -11.01 -3.87 6.41
N GLY A 300 -11.34 -2.93 5.54
CA GLY A 300 -12.01 -3.28 4.28
C GLY A 300 -11.21 -4.28 3.45
N HIS A 301 -9.96 -3.94 3.20
CA HIS A 301 -9.05 -4.79 2.43
C HIS A 301 -9.02 -6.22 3.01
N GLU A 302 -8.78 -6.36 4.33
CA GLU A 302 -8.63 -7.73 4.85
C GLU A 302 -9.98 -8.45 4.77
N TYR A 303 -11.11 -7.73 4.95
CA TYR A 303 -12.42 -8.37 4.82
C TYR A 303 -12.63 -8.86 3.38
N PHE A 304 -12.26 -8.03 2.38
CA PHE A 304 -12.57 -8.42 1.00
C PHE A 304 -11.72 -9.57 0.56
N HIS A 305 -10.61 -9.80 1.27
CA HIS A 305 -9.85 -11.02 0.97
C HIS A 305 -10.60 -12.29 1.27
N GLN A 306 -11.62 -12.25 2.13
CA GLN A 306 -12.24 -13.52 2.49
C GLN A 306 -12.75 -14.25 1.21
N TYR A 307 -13.25 -13.50 0.23
CA TYR A 307 -13.47 -14.08 -1.12
C TYR A 307 -12.21 -14.05 -2.01
N THR A 308 -11.61 -12.86 -2.20
CA THR A 308 -10.52 -12.74 -3.15
C THR A 308 -9.16 -12.94 -2.47
N GLY A 309 -8.91 -14.21 -2.17
CA GLY A 309 -7.65 -14.56 -1.51
C GLY A 309 -7.91 -15.82 -0.66
N ASN A 310 -9.02 -15.87 0.09
CA ASN A 310 -9.22 -16.98 1.03
C ASN A 310 -10.19 -18.09 0.54
N ARG A 311 -11.23 -17.68 -0.13
CA ARG A 311 -12.15 -18.64 -0.72
C ARG A 311 -11.68 -19.01 -2.11
N VAL A 312 -11.33 -18.00 -2.91
CA VAL A 312 -10.64 -18.29 -4.16
C VAL A 312 -9.19 -18.01 -3.83
N THR A 313 -8.34 -19.02 -3.90
CA THR A 313 -6.98 -18.89 -3.38
C THR A 313 -5.94 -18.85 -4.53
N LEU A 314 -4.68 -18.65 -4.21
CA LEU A 314 -3.62 -18.60 -5.24
C LEU A 314 -2.99 -19.96 -5.55
N ARG A 315 -2.80 -20.27 -6.83
CA ARG A 315 -2.05 -21.48 -7.15
C ARG A 315 -0.59 -21.44 -6.67
N ASP A 316 0.01 -20.25 -6.75
CA ASP A 316 1.44 -20.08 -6.49
C ASP A 316 1.65 -18.60 -6.30
N TRP A 317 2.78 -18.23 -5.73
CA TRP A 317 3.01 -16.83 -5.39
C TRP A 317 3.16 -15.91 -6.60
N PHE A 318 3.46 -16.46 -7.77
CA PHE A 318 3.50 -15.58 -8.93
C PHE A 318 2.15 -14.99 -9.25
N GLN A 319 1.07 -15.61 -8.76
CA GLN A 319 -0.28 -15.05 -8.95
C GLN A 319 -0.64 -14.01 -7.90
N LEU A 320 0.33 -13.50 -7.15
CA LEU A 320 -0.02 -12.63 -6.02
C LEU A 320 -0.98 -11.49 -6.37
N THR A 321 -0.74 -10.83 -7.52
CA THR A 321 -1.60 -9.68 -7.90
C THR A 321 -3.08 -10.12 -8.07
N LEU A 322 -3.32 -11.38 -8.38
CA LEU A 322 -4.70 -11.88 -8.47
C LEU A 322 -5.45 -11.73 -7.14
N LYS A 323 -4.78 -11.92 -6.00
CA LYS A 323 -5.48 -11.54 -4.74
C LYS A 323 -5.22 -10.12 -4.31
N GLU A 324 -4.01 -9.60 -4.54
CA GLU A 324 -3.76 -8.25 -4.00
C GLU A 324 -4.34 -7.14 -4.89
N GLY A 325 -4.02 -7.18 -6.17
CA GLY A 325 -4.58 -6.15 -7.04
C GLY A 325 -6.10 -6.19 -6.99
N LEU A 326 -6.71 -7.39 -6.99
CA LEU A 326 -8.16 -7.48 -7.01
C LEU A 326 -8.72 -6.96 -5.65
N THR A 327 -8.05 -7.27 -4.54
CA THR A 327 -8.55 -6.84 -3.23
C THR A 327 -8.32 -5.33 -3.03
N VAL A 328 -7.22 -4.80 -3.52
CA VAL A 328 -7.06 -3.33 -3.46
C VAL A 328 -8.16 -2.65 -4.30
N HIS A 329 -8.49 -3.20 -5.47
CA HIS A 329 -9.56 -2.63 -6.29
C HIS A 329 -10.90 -2.70 -5.56
N ARG A 330 -11.18 -3.84 -4.91
CA ARG A 330 -12.41 -3.96 -4.13
C ARG A 330 -12.42 -2.94 -2.99
N GLU A 331 -11.30 -2.76 -2.31
CA GLU A 331 -11.27 -1.78 -1.22
C GLU A 331 -11.39 -0.34 -1.75
N ASN A 332 -10.83 -0.06 -2.94
CA ASN A 332 -11.00 1.26 -3.53
C ASN A 332 -12.48 1.50 -3.85
N LEU A 333 -13.20 0.51 -4.39
CA LEU A 333 -14.64 0.77 -4.68
C LEU A 333 -15.37 1.06 -3.39
N PHE A 334 -15.02 0.29 -2.35
CA PHE A 334 -15.63 0.42 -1.05
C PHE A 334 -15.37 1.80 -0.45
N SER A 335 -14.10 2.20 -0.44
CA SER A 335 -13.80 3.46 0.23
C SER A 335 -14.35 4.62 -0.54
N GLU A 336 -14.38 4.50 -1.88
CA GLU A 336 -14.99 5.59 -2.65
C GLU A 336 -16.46 5.73 -2.27
N GLU A 337 -17.19 4.60 -2.15
CA GLU A 337 -18.59 4.66 -1.76
C GLU A 337 -18.81 5.16 -0.32
N MET A 338 -17.89 4.81 0.59
CA MET A 338 -18.05 5.19 1.98
C MET A 338 -17.74 6.63 2.25
N THR A 339 -16.72 7.15 1.59
CA THR A 339 -16.26 8.49 1.92
C THR A 339 -17.05 9.55 1.15
N LYS A 340 -17.57 9.18 -0.01
CA LYS A 340 -18.23 10.08 -0.95
C LYS A 340 -17.47 11.36 -1.18
N THR A 341 -16.16 11.25 -1.17
CA THR A 341 -15.33 12.41 -1.54
C THR A 341 -14.48 12.09 -2.77
N VAL A 342 -14.26 13.06 -3.68
CA VAL A 342 -13.47 12.78 -4.89
C VAL A 342 -12.00 12.59 -4.53
N THR A 343 -11.58 13.02 -3.34
CA THR A 343 -10.16 12.92 -2.97
C THR A 343 -9.76 11.46 -2.66
N THR A 344 -10.73 10.59 -2.45
CA THR A 344 -10.35 9.22 -2.27
C THR A 344 -9.68 8.63 -3.54
N ARG A 345 -10.32 8.80 -4.68
CA ARG A 345 -9.72 8.33 -5.94
C ARG A 345 -8.48 9.12 -6.26
N LEU A 346 -8.51 10.43 -6.04
CA LEU A 346 -7.31 11.24 -6.37
C LEU A 346 -6.12 10.82 -5.53
N SER A 347 -6.35 10.44 -4.25
CA SER A 347 -5.21 10.02 -3.43
C SER A 347 -4.55 8.73 -3.93
N HIS A 348 -5.37 7.84 -4.47
CA HIS A 348 -4.82 6.58 -5.01
C HIS A 348 -4.02 6.88 -6.28
N VAL A 349 -4.56 7.76 -7.12
CA VAL A 349 -3.81 8.11 -8.33
C VAL A 349 -2.52 8.84 -7.96
N ASP A 350 -2.56 9.74 -6.96
CA ASP A 350 -1.41 10.51 -6.56
C ASP A 350 -0.30 9.56 -6.09
N LEU A 351 -0.68 8.53 -5.35
CA LEU A 351 0.31 7.54 -4.92
C LEU A 351 0.82 6.76 -6.12
N LEU A 352 -0.07 6.30 -7.00
CA LEU A 352 0.44 5.48 -8.10
C LEU A 352 1.46 6.25 -8.95
N ARG A 353 1.13 7.49 -9.32
CA ARG A 353 1.96 8.21 -10.28
C ARG A 353 3.23 8.74 -9.69
N SER A 354 3.32 8.71 -8.38
CA SER A 354 4.58 9.09 -7.74
C SER A 354 5.35 7.81 -7.41
N VAL A 355 4.89 7.05 -6.40
CA VAL A 355 5.65 5.88 -5.91
C VAL A 355 5.69 4.74 -6.93
N GLN A 356 4.55 4.39 -7.54
CA GLN A 356 4.61 3.23 -8.44
C GLN A 356 5.29 3.57 -9.77
N PHE A 357 5.09 4.80 -10.30
CA PHE A 357 5.76 5.12 -11.55
C PHE A 357 7.25 5.18 -11.32
N LEU A 358 7.70 5.67 -10.14
CA LEU A 358 9.13 5.64 -9.89
C LEU A 358 9.67 4.20 -9.94
N GLU A 359 8.96 3.29 -9.25
CA GLU A 359 9.39 1.89 -9.19
C GLU A 359 9.47 1.37 -10.63
N ASP A 360 8.48 1.69 -11.45
CA ASP A 360 8.39 1.09 -12.79
C ASP A 360 9.43 1.67 -13.75
N SER A 361 10.05 2.78 -13.40
CA SER A 361 11.13 3.28 -14.24
C SER A 361 12.52 3.11 -13.59
N SER A 362 12.55 2.41 -12.47
CA SER A 362 13.76 2.08 -11.73
C SER A 362 14.31 0.71 -12.14
N PRO A 363 15.51 0.38 -11.64
CA PRO A 363 16.05 -0.97 -11.90
C PRO A 363 15.21 -2.08 -11.31
N LEU A 364 14.29 -1.75 -10.40
CA LEU A 364 13.45 -2.74 -9.77
C LEU A 364 12.23 -3.00 -10.61
N SER A 365 12.04 -2.32 -11.73
CA SER A 365 10.79 -2.48 -12.55
C SER A 365 10.47 -3.96 -12.86
N HIS A 366 9.21 -4.32 -12.61
CA HIS A 366 8.70 -5.66 -12.86
C HIS A 366 7.25 -5.56 -13.33
N PRO A 367 6.77 -6.62 -14.02
CA PRO A 367 5.34 -6.62 -14.33
C PRO A 367 4.55 -7.06 -13.09
N ILE A 368 3.25 -6.87 -13.11
CA ILE A 368 2.44 -7.17 -11.95
C ILE A 368 2.42 -8.68 -11.69
N ARG A 369 2.71 -9.48 -12.71
CA ARG A 369 3.02 -10.92 -12.51
C ARG A 369 4.47 -11.19 -12.91
N PRO A 370 5.38 -11.15 -11.95
CA PRO A 370 6.79 -11.34 -12.31
C PRO A 370 7.11 -12.71 -12.82
N GLU A 371 8.25 -12.82 -13.49
CA GLU A 371 8.69 -14.08 -14.05
C GLU A 371 9.57 -14.89 -13.11
N SER A 372 10.12 -14.25 -12.08
CA SER A 372 11.06 -14.92 -11.19
C SER A 372 11.16 -14.16 -9.88
N TYR A 373 11.63 -14.84 -8.84
CA TYR A 373 11.96 -14.19 -7.56
C TYR A 373 12.97 -15.00 -6.78
N VAL A 374 13.65 -14.35 -5.82
CA VAL A 374 14.53 -15.07 -4.88
C VAL A 374 13.91 -15.02 -3.51
N SER A 375 13.43 -13.82 -3.16
CA SER A 375 12.84 -13.59 -1.85
C SER A 375 11.39 -13.19 -2.04
N MET A 376 10.46 -14.02 -1.54
CA MET A 376 9.04 -13.74 -1.66
CA MET A 376 9.04 -13.73 -1.66
C MET A 376 8.65 -12.41 -1.05
N GLU A 377 9.26 -12.08 0.07
CA GLU A 377 8.96 -10.85 0.75
C GLU A 377 9.23 -9.63 -0.13
N ASN A 378 10.13 -9.75 -1.09
CA ASN A 378 10.42 -8.56 -1.86
C ASN A 378 9.43 -8.27 -2.97
N PHE A 379 8.44 -9.16 -3.13
CA PHE A 379 7.36 -9.29 -4.12
CA PHE A 379 7.54 -8.76 -4.22
C PHE A 379 6.16 -8.38 -3.80
N TYR A 380 6.05 -7.97 -2.55
CA TYR A 380 4.86 -7.28 -2.12
C TYR A 380 5.08 -5.81 -2.39
N THR A 381 4.89 -5.44 -3.65
CA THR A 381 5.30 -4.09 -4.11
C THR A 381 4.12 -3.24 -4.52
N THR A 382 4.36 -1.92 -4.62
CA THR A 382 3.35 -1.04 -5.17
C THR A 382 2.98 -1.41 -6.62
N THR A 383 3.91 -2.00 -7.36
CA THR A 383 3.53 -2.49 -8.70
C THR A 383 2.46 -3.59 -8.55
N VAL A 384 2.76 -4.64 -7.77
CA VAL A 384 1.82 -5.75 -7.66
C VAL A 384 0.47 -5.29 -7.07
N TYR A 385 0.53 -4.42 -6.09
CA TYR A 385 -0.70 -3.95 -5.41
C TYR A 385 -1.44 -2.86 -6.19
N ASP A 386 -0.72 -1.78 -6.47
CA ASP A 386 -1.39 -0.53 -6.93
C ASP A 386 -1.50 -0.55 -8.44
N LYS A 387 -0.44 -0.91 -9.18
CA LYS A 387 -0.69 -1.11 -10.62
C LYS A 387 -1.61 -2.31 -10.80
N GLY A 388 -1.43 -3.38 -10.02
CA GLY A 388 -2.40 -4.43 -10.17
C GLY A 388 -3.85 -3.95 -9.95
N SER A 389 -4.08 -3.09 -8.97
CA SER A 389 -5.44 -2.59 -8.72
CA SER A 389 -5.44 -2.57 -8.73
C SER A 389 -5.97 -1.80 -9.93
N GLU A 390 -5.10 -1.04 -10.61
CA GLU A 390 -5.54 -0.31 -11.79
C GLU A 390 -5.82 -1.24 -12.94
N VAL A 391 -5.08 -2.35 -13.03
CA VAL A 391 -5.38 -3.32 -14.07
C VAL A 391 -6.70 -4.02 -13.76
N MET A 392 -6.97 -4.27 -12.46
CA MET A 392 -8.24 -4.84 -12.10
C MET A 392 -9.39 -3.85 -12.31
N ARG A 393 -9.13 -2.58 -12.09
CA ARG A 393 -10.16 -1.57 -12.28
C ARG A 393 -10.46 -1.32 -13.78
N MET A 394 -9.44 -1.49 -14.63
CA MET A 394 -9.71 -1.32 -16.09
C MET A 394 -10.74 -2.31 -16.61
N TYR A 395 -10.88 -3.55 -16.04
CA TYR A 395 -11.97 -4.40 -16.47
C TYR A 395 -13.33 -3.77 -16.24
N LEU A 396 -13.44 -3.07 -15.11
CA LEU A 396 -14.72 -2.42 -14.78
C LEU A 396 -14.99 -1.26 -15.75
N THR A 397 -13.97 -0.52 -16.06
CA THR A 397 -14.10 0.59 -17.01
C THR A 397 -14.47 0.07 -18.41
N ILE A 398 -13.88 -1.05 -18.80
CA ILE A 398 -14.15 -1.62 -20.14
C ILE A 398 -15.56 -2.22 -20.22
N LEU A 399 -15.96 -2.94 -19.17
CA LEU A 399 -17.22 -3.67 -19.21
C LEU A 399 -18.43 -2.87 -18.72
N GLY A 400 -18.20 -1.82 -17.94
CA GLY A 400 -19.28 -1.16 -17.23
C GLY A 400 -19.75 -2.00 -16.06
N GLU A 401 -20.51 -1.39 -15.16
CA GLU A 401 -20.85 -2.03 -13.90
C GLU A 401 -21.62 -3.32 -14.05
N GLU A 402 -22.64 -3.36 -14.92
CA GLU A 402 -23.48 -4.54 -15.03
C GLU A 402 -22.71 -5.75 -15.47
N TYR A 403 -21.96 -5.63 -16.57
CA TYR A 403 -21.22 -6.77 -17.11
C TYR A 403 -19.95 -7.04 -16.29
N TYR A 404 -19.36 -6.02 -15.66
CA TYR A 404 -18.28 -6.27 -14.70
C TYR A 404 -18.79 -7.20 -13.56
N LYS A 405 -19.96 -6.86 -13.01
CA LYS A 405 -20.50 -7.66 -11.91
C LYS A 405 -20.81 -9.08 -12.39
N LYS A 406 -21.26 -9.19 -13.63
CA LYS A 406 -21.52 -10.51 -14.19
C LYS A 406 -20.24 -11.34 -14.30
N GLY A 407 -19.19 -10.75 -14.87
CA GLY A 407 -17.89 -11.41 -14.99
C GLY A 407 -17.24 -11.75 -13.64
N PHE A 408 -17.41 -10.88 -12.64
CA PHE A 408 -16.84 -11.16 -11.32
C PHE A 408 -17.57 -12.33 -10.68
N ASP A 409 -18.89 -12.36 -10.82
CA ASP A 409 -19.61 -13.48 -10.23
C ASP A 409 -19.24 -14.79 -10.94
N ILE A 410 -18.98 -14.71 -12.25
CA ILE A 410 -18.48 -15.89 -12.99
C ILE A 410 -17.16 -16.37 -12.37
N TYR A 411 -16.26 -15.44 -12.15
CA TYR A 411 -15.00 -15.81 -11.51
C TYR A 411 -15.20 -16.48 -10.15
N ILE A 412 -16.03 -15.87 -9.31
CA ILE A 412 -16.26 -16.45 -7.97
C ILE A 412 -16.95 -17.81 -8.03
N LYS A 413 -18.04 -17.92 -8.79
CA LYS A 413 -18.77 -19.18 -8.85
C LYS A 413 -17.90 -20.30 -9.41
N LYS A 414 -17.08 -19.99 -10.40
CA LYS A 414 -16.27 -21.04 -11.01
C LYS A 414 -15.06 -21.45 -10.17
N ASN A 415 -14.53 -20.54 -9.34
CA ASN A 415 -13.26 -20.82 -8.66
C ASN A 415 -13.34 -20.90 -7.12
N ASP A 416 -14.54 -20.69 -6.57
CA ASP A 416 -14.75 -20.74 -5.12
C ASP A 416 -14.28 -22.09 -4.55
N GLY A 417 -13.50 -22.05 -3.48
CA GLY A 417 -12.99 -23.29 -2.90
C GLY A 417 -11.81 -23.91 -3.66
N ASN A 418 -11.23 -23.16 -4.60
CA ASN A 418 -10.13 -23.69 -5.40
C ASN A 418 -9.03 -22.67 -5.61
N THR A 419 -7.87 -23.15 -6.03
CA THR A 419 -6.76 -22.27 -6.37
C THR A 419 -7.05 -21.71 -7.75
N ALA A 420 -6.41 -20.59 -8.09
CA ALA A 420 -6.66 -19.94 -9.38
C ALA A 420 -5.42 -19.16 -9.82
N THR A 421 -5.40 -18.80 -11.12
CA THR A 421 -4.30 -18.03 -11.68
C THR A 421 -4.87 -16.78 -12.31
N CYS A 422 -4.00 -15.89 -12.75
CA CYS A 422 -4.45 -14.66 -13.39
C CYS A 422 -5.27 -14.94 -14.65
N GLU A 423 -4.89 -15.96 -15.41
CA GLU A 423 -5.70 -16.40 -16.54
C GLU A 423 -7.14 -16.71 -16.21
N ASP A 424 -7.40 -17.33 -15.05
CA ASP A 424 -8.78 -17.65 -14.65
C ASP A 424 -9.60 -16.36 -14.55
N PHE A 425 -9.00 -15.32 -14.01
CA PHE A 425 -9.72 -14.04 -13.91
C PHE A 425 -9.97 -13.45 -15.27
N ASN A 426 -8.94 -13.41 -16.12
CA ASN A 426 -9.13 -12.85 -17.44
C ASN A 426 -10.16 -13.65 -18.23
N TYR A 427 -10.17 -14.97 -18.06
CA TYR A 427 -11.18 -15.80 -18.73
C TYR A 427 -12.59 -15.37 -18.36
N ALA A 428 -12.82 -15.18 -17.07
CA ALA A 428 -14.14 -14.76 -16.58
C ALA A 428 -14.56 -13.41 -17.10
N MET A 429 -13.64 -12.44 -17.14
CA MET A 429 -13.92 -11.15 -17.72
C MET A 429 -14.17 -11.25 -19.23
N GLU A 430 -13.45 -12.14 -19.88
CA GLU A 430 -13.65 -12.34 -21.30
C GLU A 430 -15.07 -12.82 -21.62
N GLN A 431 -15.61 -13.67 -20.76
CA GLN A 431 -16.96 -14.20 -20.97
C GLN A 431 -17.94 -13.06 -20.91
N ALA A 432 -17.77 -12.19 -19.92
CA ALA A 432 -18.58 -10.96 -19.88
C ALA A 432 -18.38 -10.02 -21.07
N TYR A 433 -17.15 -9.93 -21.55
CA TYR A 433 -16.82 -9.09 -22.70
C TYR A 433 -17.61 -9.57 -23.91
N LYS A 434 -17.63 -10.89 -24.10
CA LYS A 434 -18.34 -11.49 -25.24
C LYS A 434 -19.80 -11.15 -25.17
N MET A 435 -20.39 -11.30 -23.98
CA MET A 435 -21.76 -10.94 -23.72
C MET A 435 -21.97 -9.46 -24.04
N LYS A 436 -21.12 -8.61 -23.50
CA LYS A 436 -21.29 -7.17 -23.72
C LYS A 436 -21.14 -6.77 -25.20
N LYS A 437 -20.25 -7.44 -25.92
CA LYS A 437 -19.99 -7.09 -27.32
C LYS A 437 -20.96 -7.83 -28.23
N ALA A 438 -21.82 -8.65 -27.62
CA ALA A 438 -22.71 -9.54 -28.36
C ALA A 438 -21.95 -10.24 -29.50
N ASP A 439 -20.83 -10.85 -29.16
CA ASP A 439 -19.88 -11.35 -30.13
C ASP A 439 -19.01 -12.42 -29.49
N ASN A 440 -19.34 -13.68 -29.74
CA ASN A 440 -18.62 -14.82 -29.16
C ASN A 440 -17.18 -14.97 -29.70
N SER A 441 -16.82 -14.13 -30.66
CA SER A 441 -15.46 -14.12 -31.17
C SER A 441 -14.62 -13.04 -30.48
N ALA A 442 -15.26 -12.15 -29.73
CA ALA A 442 -14.52 -11.12 -28.97
C ALA A 442 -13.64 -11.82 -27.95
N ASN A 443 -12.43 -11.31 -27.73
CA ASN A 443 -11.57 -11.89 -26.71
C ASN A 443 -10.72 -10.83 -26.04
N LEU A 444 -10.14 -11.23 -24.91
CA LEU A 444 -9.27 -10.36 -24.13
C LEU A 444 -7.84 -10.90 -24.11
N ASN A 445 -7.43 -11.58 -25.18
CA ASN A 445 -6.08 -12.13 -25.19
CA ASN A 445 -6.09 -12.14 -25.21
C ASN A 445 -5.04 -11.03 -25.07
N GLN A 446 -5.26 -9.91 -25.75
CA GLN A 446 -4.30 -8.81 -25.68
C GLN A 446 -4.23 -8.26 -24.24
N TYR A 447 -5.35 -8.36 -23.51
CA TYR A 447 -5.38 -7.79 -22.15
C TYR A 447 -4.32 -8.43 -21.26
N LEU A 448 -4.00 -9.71 -21.50
CA LEU A 448 -3.01 -10.42 -20.68
C LEU A 448 -1.67 -9.72 -20.66
N LEU A 449 -1.36 -8.92 -21.68
CA LEU A 449 -0.12 -8.20 -21.64
C LEU A 449 0.00 -7.26 -20.44
N TRP A 450 -1.13 -6.83 -19.88
CA TRP A 450 -1.03 -6.03 -18.66
C TRP A 450 -0.40 -6.80 -17.50
N PHE A 451 -0.49 -8.13 -17.54
CA PHE A 451 0.09 -8.90 -16.47
C PHE A 451 1.56 -9.14 -16.68
N SER A 452 2.00 -9.20 -17.95
CA SER A 452 3.35 -9.65 -18.28
C SER A 452 4.31 -8.53 -18.63
N GLN A 453 3.79 -7.40 -19.08
CA GLN A 453 4.68 -6.33 -19.62
C GLN A 453 4.98 -5.34 -18.51
N SER A 454 6.26 -5.09 -18.24
CA SER A 454 6.63 -4.05 -17.26
C SER A 454 6.72 -2.68 -17.89
N GLY A 455 6.79 -1.64 -17.04
CA GLY A 455 6.93 -0.28 -17.55
C GLY A 455 5.62 0.45 -17.69
N THR A 456 5.68 1.78 -17.64
CA THR A 456 4.50 2.57 -17.76
C THR A 456 4.28 3.01 -19.19
N PRO A 457 3.12 2.71 -19.78
CA PRO A 457 2.91 3.27 -21.12
C PRO A 457 2.80 4.78 -21.12
N HIS A 458 3.24 5.36 -22.23
CA HIS A 458 3.05 6.79 -22.48
C HIS A 458 1.98 6.96 -23.55
N VAL A 459 0.97 7.76 -23.29
CA VAL A 459 -0.10 7.97 -24.30
C VAL A 459 -0.19 9.44 -24.67
N SER A 460 -0.06 9.73 -25.95
CA SER A 460 0.03 11.10 -26.42
C SER A 460 -1.04 11.32 -27.48
N PHE A 461 -1.32 12.61 -27.74
CA PHE A 461 -2.48 13.02 -28.51
C PHE A 461 -2.21 14.11 -29.52
N LYS A 462 -2.94 14.08 -30.63
CA LYS A 462 -3.02 15.20 -31.57
C LYS A 462 -4.48 15.34 -31.94
N TYR A 463 -4.90 16.55 -32.23
CA TYR A 463 -6.31 16.82 -32.49
C TYR A 463 -6.50 17.51 -33.81
N ASN A 464 -7.70 17.35 -34.36
CA ASN A 464 -8.09 18.13 -35.53
C ASN A 464 -9.56 18.44 -35.48
N TYR A 465 -9.91 19.64 -35.90
CA TYR A 465 -11.32 20.05 -35.96
C TYR A 465 -11.57 20.71 -37.29
N ASP A 466 -12.61 20.25 -37.97
CA ASP A 466 -13.03 20.89 -39.22
C ASP A 466 -14.37 21.55 -38.98
N ALA A 467 -14.39 22.87 -38.94
CA ALA A 467 -15.55 23.66 -38.51
C ALA A 467 -16.66 23.54 -39.52
N GLU A 468 -16.32 23.47 -40.79
CA GLU A 468 -17.33 23.32 -41.84
C GLU A 468 -17.98 21.92 -41.74
N LYS A 469 -17.20 20.91 -41.43
CA LYS A 469 -17.71 19.53 -41.35
C LYS A 469 -18.32 19.18 -39.99
N LYS A 470 -18.09 20.02 -38.99
CA LYS A 470 -18.45 19.70 -37.60
C LYS A 470 -17.85 18.35 -37.20
N GLN A 471 -16.58 18.14 -37.53
CA GLN A 471 -15.94 16.83 -37.36
C GLN A 471 -14.69 17.00 -36.56
N TYR A 472 -14.61 16.23 -35.47
CA TYR A 472 -13.49 16.30 -34.57
C TYR A 472 -12.75 14.98 -34.52
N SER A 473 -11.41 15.01 -34.50
CA SER A 473 -10.63 13.78 -34.44
CA SER A 473 -10.70 13.75 -34.37
C SER A 473 -9.62 13.82 -33.31
N ILE A 474 -9.46 12.70 -32.60
CA ILE A 474 -8.45 12.57 -31.58
C ILE A 474 -7.50 11.48 -32.10
N HIS A 475 -6.24 11.86 -32.38
CA HIS A 475 -5.27 10.85 -32.80
CA HIS A 475 -5.19 10.97 -32.82
C HIS A 475 -4.43 10.50 -31.59
N VAL A 476 -4.37 9.19 -31.29
CA VAL A 476 -3.74 8.72 -30.06
C VAL A 476 -2.61 7.75 -30.38
N ASN A 477 -1.51 7.88 -29.65
CA ASN A 477 -0.36 6.99 -29.77
C ASN A 477 0.00 6.42 -28.39
N GLN A 478 0.42 5.14 -28.31
CA GLN A 478 0.99 4.61 -27.08
C GLN A 478 2.40 4.07 -27.33
N TYR A 479 3.22 4.20 -26.28
CA TYR A 479 4.60 3.77 -26.34
C TYR A 479 5.00 3.35 -24.95
N THR A 480 5.66 2.19 -24.83
CA THR A 480 6.27 1.80 -23.57
C THR A 480 7.79 1.70 -23.85
N LYS A 481 8.59 2.34 -23.01
CA LYS A 481 10.06 2.29 -23.23
C LYS A 481 10.57 0.90 -22.99
N PRO A 482 11.46 0.39 -23.86
CA PRO A 482 12.13 -0.88 -23.53
C PRO A 482 12.88 -0.87 -22.20
N ASP A 483 13.00 -2.04 -21.56
CA ASP A 483 13.66 -2.12 -20.26
C ASP A 483 14.27 -3.49 -20.14
N GLU A 484 14.70 -3.88 -18.95
CA GLU A 484 15.46 -5.12 -18.85
C GLU A 484 14.55 -6.34 -18.92
N ASN A 485 13.23 -6.17 -18.87
CA ASN A 485 12.28 -7.30 -18.92
C ASN A 485 11.75 -7.63 -20.33
N GLN A 486 11.59 -6.61 -21.19
CA GLN A 486 11.20 -6.79 -22.58
C GLN A 486 11.98 -5.81 -23.45
N LYS A 487 12.77 -6.37 -24.36
CA LYS A 487 13.40 -5.62 -25.45
C LYS A 487 12.36 -4.97 -26.34
N GLU A 488 11.36 -5.76 -26.74
CA GLU A 488 10.30 -5.23 -27.55
C GLU A 488 9.03 -5.14 -26.69
N LYS A 489 8.42 -3.96 -26.69
CA LYS A 489 7.19 -3.77 -25.94
C LYS A 489 6.07 -3.84 -26.95
N LYS A 490 4.94 -4.38 -26.55
CA LYS A 490 3.81 -4.51 -27.43
C LYS A 490 2.74 -3.52 -27.01
N PRO A 491 1.88 -3.11 -27.96
CA PRO A 491 0.75 -2.27 -27.58
C PRO A 491 -0.26 -2.99 -26.65
N LEU A 492 -0.81 -2.23 -25.73
CA LEU A 492 -1.70 -2.72 -24.69
C LEU A 492 -3.10 -2.35 -25.09
N PHE A 493 -4.08 -2.99 -24.47
CA PHE A 493 -5.47 -2.60 -24.55
C PHE A 493 -5.66 -1.51 -23.52
N ILE A 494 -5.71 -0.27 -24.02
CA ILE A 494 -5.88 0.89 -23.16
C ILE A 494 -7.22 1.55 -23.30
N PRO A 495 -8.04 1.53 -22.25
CA PRO A 495 -9.35 2.21 -22.30
C PRO A 495 -9.22 3.67 -21.91
N ILE A 496 -9.73 4.53 -22.77
CA ILE A 496 -9.54 5.94 -22.55
C ILE A 496 -10.91 6.56 -22.39
N SER A 497 -11.29 6.80 -21.12
CA SER A 497 -12.55 7.45 -20.81
CA SER A 497 -12.57 7.44 -20.87
C SER A 497 -12.47 8.90 -21.24
N VAL A 498 -13.38 9.36 -22.09
CA VAL A 498 -13.25 10.74 -22.60
CA VAL A 498 -13.25 10.72 -22.63
C VAL A 498 -14.55 11.52 -22.57
N GLY A 499 -14.42 12.83 -22.42
CA GLY A 499 -15.54 13.75 -22.66
C GLY A 499 -15.04 14.84 -23.59
N LEU A 500 -15.96 15.60 -24.15
CA LEU A 500 -15.60 16.76 -24.99
C LEU A 500 -16.31 17.95 -24.37
N ILE A 501 -15.55 18.95 -23.93
CA ILE A 501 -16.16 20.11 -23.26
C ILE A 501 -16.28 21.25 -24.27
N ASN A 502 -17.46 21.86 -24.36
CA ASN A 502 -17.68 23.08 -25.13
C ASN A 502 -17.02 24.24 -24.38
N PRO A 503 -15.99 24.83 -24.97
CA PRO A 503 -15.30 25.88 -24.23
C PRO A 503 -16.13 27.16 -24.07
N GLU A 504 -17.22 27.28 -24.80
CA GLU A 504 -18.06 28.50 -24.61
C GLU A 504 -18.94 28.46 -23.38
N ASN A 505 -19.42 27.28 -22.98
CA ASN A 505 -20.33 27.15 -21.86
C ASN A 505 -19.99 26.07 -20.87
N GLY A 506 -18.88 25.37 -21.05
CA GLY A 506 -18.47 24.29 -20.16
C GLY A 506 -19.28 23.02 -20.25
N LYS A 507 -20.20 22.93 -21.20
CA LYS A 507 -21.07 21.73 -21.22
C LYS A 507 -20.46 20.52 -21.90
N GLU A 508 -20.97 19.33 -21.55
CA GLU A 508 -20.65 18.08 -22.22
C GLU A 508 -21.18 18.06 -23.64
N MET A 509 -20.35 17.66 -24.60
CA MET A 509 -20.77 17.61 -26.01
C MET A 509 -21.04 16.21 -26.48
N ILE A 510 -20.56 15.18 -25.75
CA ILE A 510 -20.91 13.78 -26.11
C ILE A 510 -21.33 13.02 -24.87
N SER A 511 -22.06 11.91 -25.04
CA SER A 511 -22.35 11.12 -23.85
C SER A 511 -21.13 10.28 -23.46
N GLN A 512 -21.28 9.51 -22.41
CA GLN A 512 -20.18 8.70 -21.85
C GLN A 512 -19.54 7.87 -22.92
N THR A 513 -18.20 7.98 -23.06
CA THR A 513 -17.48 7.32 -24.13
C THR A 513 -16.17 6.79 -23.66
N THR A 514 -15.88 5.51 -23.90
CA THR A 514 -14.58 4.93 -23.55
C THR A 514 -13.96 4.46 -24.84
N LEU A 515 -12.93 5.16 -25.31
CA LEU A 515 -12.15 4.73 -26.45
C LEU A 515 -11.33 3.49 -26.14
N GLU A 516 -11.40 2.49 -27.01
CA GLU A 516 -10.61 1.27 -26.82
C GLU A 516 -9.38 1.33 -27.75
N LEU A 517 -8.26 1.77 -27.22
CA LEU A 517 -7.03 1.81 -28.01
C LEU A 517 -6.36 0.45 -27.88
N THR A 518 -6.24 -0.23 -29.01
CA THR A 518 -5.65 -1.56 -29.02
C THR A 518 -4.44 -1.69 -29.94
N LYS A 519 -4.10 -0.61 -30.60
CA LYS A 519 -2.98 -0.57 -31.54
C LYS A 519 -1.94 0.43 -31.04
N GLU A 520 -0.78 0.43 -31.70
CA GLU A 520 0.23 1.44 -31.37
C GLU A 520 -0.36 2.85 -31.57
N SER A 521 -1.21 3.02 -32.58
CA SER A 521 -1.89 4.32 -32.70
C SER A 521 -3.26 4.16 -33.37
N ASP A 522 -4.16 5.10 -33.10
CA ASP A 522 -5.47 5.06 -33.74
C ASP A 522 -6.03 6.46 -33.84
N THR A 523 -6.97 6.68 -34.74
CA THR A 523 -7.61 7.97 -34.83
C THR A 523 -9.10 7.78 -34.61
N PHE A 524 -9.64 8.51 -33.61
CA PHE A 524 -11.07 8.45 -33.23
C PHE A 524 -11.78 9.69 -33.71
N VAL A 525 -12.79 9.54 -34.56
CA VAL A 525 -13.42 10.68 -35.20
C VAL A 525 -14.83 10.79 -34.63
N PHE A 526 -15.28 12.04 -34.45
CA PHE A 526 -16.61 12.37 -33.91
C PHE A 526 -17.27 13.30 -34.86
N ASN A 527 -18.49 12.97 -35.28
CA ASN A 527 -19.25 13.86 -36.15
C ASN A 527 -20.26 14.68 -35.33
N ASN A 528 -20.84 15.67 -36.01
CA ASN A 528 -21.85 16.55 -35.40
C ASN A 528 -21.32 17.17 -34.09
N ILE A 529 -20.08 17.63 -34.16
CA ILE A 529 -19.42 18.37 -33.09
C ILE A 529 -19.48 19.85 -33.48
N ALA A 530 -20.35 20.60 -32.81
CA ALA A 530 -20.74 21.91 -33.31
C ALA A 530 -19.70 23.01 -33.22
N VAL A 531 -18.79 22.85 -32.29
CA VAL A 531 -17.72 23.81 -32.05
C VAL A 531 -16.48 23.01 -31.65
N LYS A 532 -15.31 23.62 -31.82
CA LYS A 532 -14.07 22.93 -31.45
C LYS A 532 -14.07 22.69 -29.95
N PRO A 533 -13.96 21.42 -29.52
CA PRO A 533 -14.04 21.13 -28.07
C PRO A 533 -12.69 21.19 -27.37
N ILE A 534 -12.70 21.13 -26.07
CA ILE A 534 -11.48 20.79 -25.35
C ILE A 534 -11.70 19.38 -24.86
N PRO A 535 -10.82 18.44 -25.21
CA PRO A 535 -11.02 17.06 -24.78
C PRO A 535 -10.65 16.88 -23.30
N SER A 536 -11.47 16.09 -22.64
CA SER A 536 -11.31 15.67 -21.25
C SER A 536 -10.84 14.21 -21.29
N LEU A 537 -9.54 14.01 -21.09
CA LEU A 537 -8.93 12.70 -21.40
C LEU A 537 -8.59 11.86 -20.19
N PHE A 538 -8.91 10.57 -20.29
CA PHE A 538 -8.63 9.60 -19.19
C PHE A 538 -9.41 9.97 -17.94
N ARG A 539 -10.70 10.27 -18.12
CA ARG A 539 -11.55 10.57 -16.96
C ARG A 539 -11.44 9.45 -15.92
N GLY A 540 -11.35 9.87 -14.66
CA GLY A 540 -11.22 8.95 -13.54
C GLY A 540 -9.86 8.29 -13.48
N PHE A 541 -8.91 8.75 -14.29
CA PHE A 541 -7.60 8.11 -14.56
C PHE A 541 -7.79 6.71 -15.06
N SER A 542 -8.29 6.61 -16.29
CA SER A 542 -8.87 5.31 -16.73
C SER A 542 -7.84 4.25 -17.16
N ALA A 543 -6.57 4.59 -17.21
CA ALA A 543 -5.51 3.57 -17.47
C ALA A 543 -4.26 4.05 -16.79
N PRO A 544 -3.40 3.14 -16.36
CA PRO A 544 -2.24 3.58 -15.53
C PRO A 544 -1.06 3.91 -16.46
N VAL A 545 -1.12 5.15 -16.96
CA VAL A 545 -0.25 5.61 -18.05
C VAL A 545 0.24 7.02 -17.79
N TYR A 546 1.33 7.35 -18.48
CA TYR A 546 1.74 8.75 -18.59
C TYR A 546 0.89 9.43 -19.63
N ILE A 547 0.12 10.42 -19.23
CA ILE A 547 -0.77 11.14 -20.17
C ILE A 547 -0.07 12.39 -20.68
N GLU A 548 0.03 12.50 -21.99
CA GLU A 548 0.62 13.68 -22.62
C GLU A 548 -0.52 14.33 -23.38
N ASP A 549 -1.19 15.29 -22.73
CA ASP A 549 -2.48 15.79 -23.28
C ASP A 549 -2.33 16.78 -24.46
N GLN A 550 -1.10 17.30 -24.66
CA GLN A 550 -0.84 18.26 -25.74
C GLN A 550 -1.79 19.42 -25.74
N LEU A 551 -2.24 19.80 -24.55
CA LEU A 551 -3.13 20.96 -24.41
C LEU A 551 -2.36 22.22 -24.04
N THR A 552 -2.90 23.36 -24.39
CA THR A 552 -2.28 24.60 -23.95
C THR A 552 -2.66 24.84 -22.51
N ASP A 553 -1.93 25.72 -21.85
CA ASP A 553 -2.29 26.03 -20.47
C ASP A 553 -3.67 26.72 -20.42
N GLU A 554 -4.03 27.52 -21.43
CA GLU A 554 -5.39 28.10 -21.52
C GLU A 554 -6.47 26.98 -21.53
N GLU A 555 -6.23 25.96 -22.35
CA GLU A 555 -7.18 24.83 -22.38
C GLU A 555 -7.22 24.11 -21.03
N ARG A 556 -6.04 23.92 -20.41
CA ARG A 556 -6.00 23.18 -19.15
C ARG A 556 -6.71 23.99 -18.06
N ILE A 557 -6.55 25.32 -18.11
CA ILE A 557 -7.27 26.15 -17.17
C ILE A 557 -8.81 26.06 -17.33
N LEU A 558 -9.27 26.01 -18.57
CA LEU A 558 -10.70 25.89 -18.79
C LEU A 558 -11.18 24.54 -18.22
N LEU A 559 -10.40 23.48 -18.41
CA LEU A 559 -10.82 22.17 -17.83
C LEU A 559 -10.82 22.22 -16.32
N LEU A 560 -9.75 22.82 -15.76
CA LEU A 560 -9.62 22.95 -14.30
C LEU A 560 -10.84 23.66 -13.72
N LYS A 561 -11.33 24.68 -14.42
CA LYS A 561 -12.48 25.44 -13.92
C LYS A 561 -13.80 24.73 -14.15
N TYR A 562 -13.93 24.14 -15.32
CA TYR A 562 -15.27 23.79 -15.82
C TYR A 562 -15.55 22.32 -16.15
N ASP A 563 -14.53 21.49 -16.17
CA ASP A 563 -14.77 20.07 -16.51
C ASP A 563 -15.56 19.38 -15.39
N SER A 564 -16.22 18.29 -15.76
CA SER A 564 -17.03 17.54 -14.82
C SER A 564 -16.28 16.46 -14.08
N ASP A 565 -15.06 16.14 -14.52
CA ASP A 565 -14.35 15.01 -13.95
C ASP A 565 -13.26 15.47 -13.01
N ALA A 566 -13.27 15.00 -11.78
CA ALA A 566 -12.28 15.47 -10.81
C ALA A 566 -10.86 15.12 -11.21
N PHE A 567 -10.61 13.88 -11.65
CA PHE A 567 -9.25 13.57 -12.07
C PHE A 567 -8.79 14.50 -13.22
N VAL A 568 -9.58 14.73 -14.28
CA VAL A 568 -9.05 15.55 -15.35
C VAL A 568 -8.80 16.98 -14.85
N ARG A 569 -9.64 17.47 -13.92
CA ARG A 569 -9.37 18.83 -13.41
C ARG A 569 -8.05 18.84 -12.65
N TYR A 570 -7.88 17.88 -11.74
CA TYR A 570 -6.66 17.71 -10.98
C TYR A 570 -5.43 17.46 -11.88
N ASN A 571 -5.61 16.68 -12.95
CA ASN A 571 -4.51 16.42 -13.85
C ASN A 571 -4.17 17.66 -14.66
N SER A 572 -5.19 18.44 -15.02
CA SER A 572 -4.91 19.61 -15.84
C SER A 572 -4.10 20.60 -15.00
N CYS A 573 -4.43 20.72 -13.71
CA CYS A 573 -3.65 21.53 -12.79
C CYS A 573 -2.22 20.96 -12.63
N THR A 574 -2.12 19.63 -12.40
CA THR A 574 -0.80 18.98 -12.36
C THR A 574 0.06 19.34 -13.59
N ASN A 575 -0.55 19.29 -14.77
CA ASN A 575 0.19 19.51 -16.02
C ASN A 575 0.64 20.97 -16.13
N ILE A 576 -0.21 21.91 -15.71
CA ILE A 576 0.23 23.33 -15.69
C ILE A 576 1.42 23.50 -14.75
N TYR A 577 1.34 22.89 -13.56
CA TYR A 577 2.48 22.97 -12.63
C TYR A 577 3.70 22.33 -13.23
N MET A 578 3.57 21.13 -13.83
CA MET A 578 4.76 20.47 -14.41
C MET A 578 5.42 21.29 -15.49
N LYS A 579 4.64 21.93 -16.37
CA LYS A 579 5.24 22.79 -17.38
C LYS A 579 6.08 23.91 -16.72
N GLN A 580 5.53 24.48 -15.67
CA GLN A 580 6.23 25.54 -14.95
C GLN A 580 7.47 25.05 -14.25
N ILE A 581 7.34 23.93 -13.53
CA ILE A 581 8.46 23.32 -12.82
C ILE A 581 9.60 22.96 -13.77
N LEU A 582 9.31 22.34 -14.91
CA LEU A 582 10.42 22.00 -15.80
C LEU A 582 11.13 23.28 -16.37
N MET A 583 10.34 24.32 -16.63
CA MET A 583 10.88 25.55 -17.19
CA MET A 583 10.86 25.55 -17.19
C MET A 583 11.76 26.24 -16.16
N ASN A 584 11.23 26.45 -14.94
CA ASN A 584 12.06 27.13 -13.94
C ASN A 584 13.26 26.24 -13.51
N TYR A 585 13.05 24.93 -13.43
CA TYR A 585 14.18 24.06 -13.09
C TYR A 585 15.30 24.28 -14.09
N ASN A 586 14.98 24.31 -15.40
CA ASN A 586 16.02 24.51 -16.37
CA ASN A 586 16.02 24.51 -16.39
C ASN A 586 16.70 25.87 -16.27
N GLU A 587 15.92 26.90 -15.96
CA GLU A 587 16.47 28.26 -15.79
C GLU A 587 17.40 28.32 -14.59
N PHE A 588 16.99 27.74 -13.45
CA PHE A 588 17.90 27.65 -12.29
C PHE A 588 19.18 26.80 -12.56
N LEU A 589 19.00 25.69 -13.28
CA LEU A 589 20.10 24.77 -13.56
C LEU A 589 21.13 25.45 -14.46
N LYS A 590 20.66 26.17 -15.48
CA LYS A 590 21.57 26.90 -16.35
C LYS A 590 22.32 27.98 -15.57
N ALA A 591 21.59 28.67 -14.69
CA ALA A 591 22.22 29.72 -13.87
C ALA A 591 23.32 29.14 -13.00
N LYS A 592 23.07 27.97 -12.42
CA LYS A 592 24.04 27.26 -11.60
C LYS A 592 25.21 26.82 -12.44
N ASN A 593 24.94 26.13 -13.53
CA ASN A 593 26.00 25.59 -14.41
C ASN A 593 26.90 26.66 -14.96
N GLU A 594 26.31 27.78 -15.36
CA GLU A 594 27.04 28.86 -16.00
C GLU A 594 27.55 29.90 -15.00
N LYS A 595 27.26 29.70 -13.71
CA LYS A 595 27.76 30.60 -12.67
C LYS A 595 27.33 32.05 -12.96
N LEU A 596 26.06 32.22 -13.33
CA LEU A 596 25.57 33.51 -13.78
C LEU A 596 25.42 34.46 -12.60
N GLU A 597 25.76 35.73 -12.84
CA GLU A 597 25.59 36.75 -11.83
C GLU A 597 24.16 37.29 -11.80
N SER A 598 23.44 37.11 -12.91
CA SER A 598 22.03 37.54 -13.01
C SER A 598 21.39 36.70 -14.06
N PHE A 599 20.07 36.55 -13.97
CA PHE A 599 19.35 35.73 -14.95
C PHE A 599 17.87 35.96 -14.69
N GLN A 600 17.02 35.44 -15.59
CA GLN A 600 15.57 35.64 -15.41
C GLN A 600 14.87 34.32 -15.19
N LEU A 601 13.77 34.38 -14.47
CA LEU A 601 12.87 33.22 -14.24
C LEU A 601 11.54 33.53 -14.86
N THR A 602 10.99 32.53 -15.55
CA THR A 602 9.66 32.65 -16.15
C THR A 602 8.59 32.68 -15.05
N PRO A 603 7.79 33.74 -14.95
CA PRO A 603 6.79 33.75 -13.87
C PRO A 603 5.68 32.71 -14.05
N VAL A 604 4.99 32.44 -12.94
CA VAL A 604 3.81 31.55 -12.99
C VAL A 604 2.70 32.22 -13.82
N ASN A 605 1.98 31.40 -14.62
CA ASN A 605 0.91 31.92 -15.48
C ASN A 605 -0.15 32.66 -14.62
N ALA A 606 -0.45 33.92 -14.95
CA ALA A 606 -1.31 34.73 -14.10
C ALA A 606 -2.74 34.24 -14.16
N GLN A 607 -3.14 33.73 -15.31
CA GLN A 607 -4.52 33.24 -15.46
C GLN A 607 -4.68 31.94 -14.67
N PHE A 608 -3.59 31.17 -14.54
CA PHE A 608 -3.66 29.98 -13.65
C PHE A 608 -3.86 30.40 -12.20
N ILE A 609 -3.11 31.42 -11.76
CA ILE A 609 -3.25 31.86 -10.38
C ILE A 609 -4.68 32.37 -10.17
N ASP A 610 -5.19 33.10 -11.16
CA ASP A 610 -6.59 33.54 -11.10
C ASP A 610 -7.56 32.39 -11.00
N ALA A 611 -7.26 31.27 -11.69
CA ALA A 611 -8.20 30.15 -11.65
C ALA A 611 -8.14 29.50 -10.28
N ILE A 612 -6.92 29.35 -9.73
CA ILE A 612 -6.83 28.84 -8.37
C ILE A 612 -7.67 29.70 -7.44
N LYS A 613 -7.56 31.03 -7.54
CA LYS A 613 -8.34 31.88 -6.65
C LYS A 613 -9.85 31.69 -6.83
N TYR A 614 -10.26 31.57 -8.09
CA TYR A 614 -11.66 31.36 -8.46
C TYR A 614 -12.20 30.10 -7.77
N LEU A 615 -11.44 29.01 -7.86
CA LEU A 615 -11.86 27.74 -7.22
C LEU A 615 -11.83 27.84 -5.70
N LEU A 616 -10.75 28.38 -5.15
CA LEU A 616 -10.71 28.57 -3.69
C LEU A 616 -11.91 29.37 -3.14
N GLU A 617 -12.38 30.36 -3.89
CA GLU A 617 -13.40 31.29 -3.40
C GLU A 617 -14.80 30.77 -3.64
N ASP A 618 -14.88 29.64 -4.31
CA ASP A 618 -16.18 29.09 -4.61
C ASP A 618 -16.66 28.28 -3.41
N PRO A 619 -17.76 28.75 -2.76
CA PRO A 619 -18.17 28.08 -1.53
C PRO A 619 -18.72 26.71 -1.83
N HIS A 620 -19.07 26.45 -3.08
CA HIS A 620 -19.71 25.19 -3.42
C HIS A 620 -18.70 24.16 -3.80
N ALA A 621 -17.44 24.58 -3.92
CA ALA A 621 -16.42 23.63 -4.32
C ALA A 621 -15.88 22.78 -3.14
N ASP A 622 -15.24 21.65 -3.46
CA ASP A 622 -14.82 20.65 -2.47
C ASP A 622 -13.52 21.01 -1.77
N ALA A 623 -13.50 20.94 -0.44
CA ALA A 623 -12.31 21.36 0.32
C ALA A 623 -11.11 20.49 0.04
N GLY A 624 -11.32 19.18 -0.08
CA GLY A 624 -10.23 18.26 -0.34
C GLY A 624 -9.59 18.53 -1.71
N PHE A 625 -10.45 18.72 -2.72
CA PHE A 625 -9.95 19.10 -4.04
C PHE A 625 -9.15 20.42 -3.98
N LYS A 626 -9.64 21.38 -3.23
CA LYS A 626 -8.93 22.65 -3.07
C LYS A 626 -7.51 22.42 -2.51
N SER A 627 -7.35 21.48 -1.59
CA SER A 627 -6.03 21.29 -0.97
C SER A 627 -5.05 20.71 -2.02
N TYR A 628 -5.55 19.98 -3.01
CA TYR A 628 -4.67 19.47 -4.07
C TYR A 628 -4.21 20.61 -4.98
N ILE A 629 -5.09 21.54 -5.31
CA ILE A 629 -4.70 22.52 -6.35
C ILE A 629 -3.67 23.49 -5.85
N VAL A 630 -3.62 23.75 -4.52
CA VAL A 630 -2.62 24.68 -3.98
C VAL A 630 -1.32 23.94 -3.68
N SER A 631 -1.27 22.64 -3.98
CA SER A 631 -0.05 21.87 -3.67
C SER A 631 0.65 21.49 -4.97
N LEU A 632 1.96 21.69 -5.04
CA LEU A 632 2.70 21.25 -6.22
C LEU A 632 2.71 19.73 -6.26
N PRO A 633 2.92 19.17 -7.46
CA PRO A 633 3.07 17.72 -7.58
C PRO A 633 4.19 17.21 -6.67
N GLN A 634 3.97 15.97 -6.18
CA GLN A 634 4.94 15.30 -5.32
C GLN A 634 6.30 15.27 -5.96
N ASP A 635 7.36 15.40 -5.16
CA ASP A 635 8.70 15.26 -5.68
C ASP A 635 8.90 13.98 -6.48
N ARG A 636 8.37 12.86 -5.99
CA ARG A 636 8.56 11.60 -6.73
C ARG A 636 7.77 11.48 -8.01
N TYR A 637 6.75 12.32 -8.19
CA TYR A 637 6.13 12.43 -9.48
C TYR A 637 7.02 13.25 -10.42
N ILE A 638 7.50 14.38 -9.90
CA ILE A 638 8.34 15.28 -10.71
C ILE A 638 9.57 14.56 -11.25
N ILE A 639 10.21 13.72 -10.42
CA ILE A 639 11.50 13.14 -10.82
C ILE A 639 11.36 12.24 -12.06
N ASN A 640 10.17 11.71 -12.34
CA ASN A 640 10.05 10.91 -13.55
C ASN A 640 10.23 11.72 -14.83
N PHE A 641 10.31 13.04 -14.71
CA PHE A 641 10.35 13.90 -15.88
C PHE A 641 11.67 14.64 -16.05
N VAL A 642 12.62 14.37 -15.16
CA VAL A 642 13.86 15.14 -15.19
C VAL A 642 15.01 14.16 -15.16
N SER A 643 15.98 14.31 -16.07
CA SER A 643 17.18 13.46 -16.04
C SER A 643 18.20 14.10 -15.11
N ASN A 644 18.96 13.31 -14.40
CA ASN A 644 20.04 13.83 -13.55
C ASN A 644 19.56 14.93 -12.61
N LEU A 645 18.46 14.65 -11.94
CA LEU A 645 17.77 15.63 -11.11
C LEU A 645 18.62 16.14 -9.99
N ASP A 646 18.89 17.44 -9.99
CA ASP A 646 19.65 18.13 -8.94
C ASP A 646 18.61 18.53 -7.90
N THR A 647 18.67 17.93 -6.71
CA THR A 647 17.57 18.11 -5.76
C THR A 647 17.59 19.54 -5.19
N ASP A 648 18.75 20.20 -5.17
CA ASP A 648 18.82 21.57 -4.67
CA ASP A 648 18.81 21.56 -4.66
C ASP A 648 18.13 22.49 -5.65
N VAL A 649 18.39 22.24 -6.94
CA VAL A 649 17.77 23.05 -7.99
C VAL A 649 16.27 22.78 -7.98
N LEU A 650 15.82 21.55 -7.77
CA LEU A 650 14.37 21.36 -7.65
C LEU A 650 13.80 22.05 -6.40
N ALA A 651 14.50 22.00 -5.27
CA ALA A 651 14.02 22.72 -4.10
C ALA A 651 13.91 24.23 -4.37
N ASP A 652 14.89 24.82 -5.04
CA ASP A 652 14.77 26.22 -5.43
C ASP A 652 13.61 26.50 -6.37
N THR A 653 13.37 25.56 -7.29
CA THR A 653 12.26 25.71 -8.23
C THR A 653 10.92 25.70 -7.54
N LYS A 654 10.72 24.74 -6.63
CA LYS A 654 9.47 24.69 -5.87
C LYS A 654 9.31 25.95 -5.01
N GLU A 655 10.37 26.39 -4.38
CA GLU A 655 10.29 27.57 -3.53
CA GLU A 655 10.27 27.57 -3.53
C GLU A 655 9.85 28.80 -4.35
N TYR A 656 10.43 28.99 -5.53
CA TYR A 656 10.05 30.13 -6.35
C TYR A 656 8.58 30.08 -6.74
N ILE A 657 8.12 28.90 -7.16
CA ILE A 657 6.75 28.77 -7.63
C ILE A 657 5.75 29.00 -6.50
N TYR A 658 6.00 28.40 -5.34
CA TYR A 658 5.12 28.64 -4.20
C TYR A 658 5.13 30.12 -3.81
N LYS A 659 6.30 30.79 -3.89
CA LYS A 659 6.36 32.18 -3.47
C LYS A 659 5.60 33.04 -4.51
N GLN A 660 5.73 32.74 -5.82
CA GLN A 660 4.97 33.46 -6.88
C GLN A 660 3.46 33.43 -6.59
N ILE A 661 3.00 32.23 -6.22
CA ILE A 661 1.56 32.04 -6.06
C ILE A 661 1.15 32.66 -4.74
N GLY A 662 1.92 32.44 -3.66
CA GLY A 662 1.60 33.08 -2.38
C GLY A 662 1.62 34.60 -2.44
N ASP A 663 2.52 35.17 -3.22
CA ASP A 663 2.60 36.62 -3.33
C ASP A 663 1.29 37.22 -3.87
N LYS A 664 0.54 36.42 -4.64
CA LYS A 664 -0.76 36.83 -5.15
C LYS A 664 -1.91 36.39 -4.24
N LEU A 665 -1.79 35.20 -3.63
CA LEU A 665 -2.97 34.61 -2.98
C LEU A 665 -2.93 34.50 -1.48
N ASN A 666 -1.87 34.95 -0.80
CA ASN A 666 -1.83 34.73 0.65
C ASN A 666 -3.01 35.36 1.39
N ASP A 667 -3.50 36.52 0.96
CA ASP A 667 -4.64 37.10 1.68
C ASP A 667 -5.88 36.22 1.53
N VAL A 668 -6.05 35.61 0.37
CA VAL A 668 -7.11 34.64 0.13
C VAL A 668 -6.93 33.42 1.01
N TYR A 669 -5.71 32.91 1.10
CA TYR A 669 -5.42 31.76 1.96
C TYR A 669 -5.78 32.07 3.39
N TYR A 670 -5.39 33.26 3.84
CA TYR A 670 -5.61 33.62 5.22
C TYR A 670 -7.10 33.72 5.52
N LYS A 671 -7.83 34.39 4.63
CA LYS A 671 -9.27 34.59 4.83
C LYS A 671 -9.99 33.20 4.84
N MET A 672 -9.53 32.27 4.01
CA MET A 672 -10.14 30.94 4.01
C MET A 672 -9.78 30.19 5.25
N PHE A 673 -8.52 30.26 5.66
CA PHE A 673 -8.11 29.66 6.93
C PHE A 673 -9.03 30.10 8.06
N LYS A 674 -9.36 31.39 8.15
CA LYS A 674 -10.20 31.83 9.25
C LYS A 674 -11.65 31.40 9.00
N SER A 675 -12.13 31.45 7.76
CA SER A 675 -13.56 31.24 7.59
C SER A 675 -13.93 29.76 7.69
N LEU A 676 -12.95 28.90 7.43
CA LEU A 676 -13.13 27.46 7.50
C LEU A 676 -13.17 26.95 8.93
N GLU A 677 -12.73 27.76 9.87
CA GLU A 677 -12.56 27.24 11.23
C GLU A 677 -13.81 26.62 11.83
N ALA A 678 -14.93 27.31 11.78
CA ALA A 678 -16.13 26.86 12.47
C ALA A 678 -16.53 25.44 12.03
N LYS A 679 -16.61 25.19 10.74
CA LYS A 679 -17.02 23.88 10.30
C LYS A 679 -15.90 22.85 10.39
N ALA A 680 -14.67 23.25 10.09
CA ALA A 680 -13.58 22.31 10.11
C ALA A 680 -13.36 21.76 11.53
N ASP A 681 -13.52 22.61 12.56
CA ASP A 681 -13.07 22.19 13.88
C ASP A 681 -14.27 21.92 14.80
N ASP A 682 -15.45 21.85 14.20
CA ASP A 682 -16.68 21.57 14.94
C ASP A 682 -16.50 20.37 15.90
N LEU A 683 -16.89 20.58 17.16
CA LEU A 683 -16.70 19.60 18.22
C LEU A 683 -18.01 18.84 18.55
N THR A 684 -19.08 19.11 17.81
CA THR A 684 -20.39 18.59 18.14
C THR A 684 -20.35 17.08 18.33
N TYR A 685 -19.59 16.40 17.47
CA TYR A 685 -19.57 14.95 17.50
C TYR A 685 -18.25 14.40 18.01
N PHE A 686 -17.46 15.20 18.72
CA PHE A 686 -16.12 14.75 19.15
C PHE A 686 -16.17 13.54 20.07
N ASN A 687 -17.23 13.47 20.90
CA ASN A 687 -17.37 12.30 21.76
C ASN A 687 -18.37 11.24 21.28
N ASP A 688 -18.67 11.29 19.98
CA ASP A 688 -19.41 10.23 19.29
C ASP A 688 -18.33 9.42 18.53
N GLU A 689 -18.09 8.21 19.03
CA GLU A 689 -16.93 7.43 18.54
C GLU A 689 -17.16 6.91 17.15
N SER A 690 -18.42 6.80 16.76
CA SER A 690 -18.76 6.27 15.44
C SER A 690 -19.10 7.30 14.39
N HIS A 691 -19.20 8.57 14.76
CA HIS A 691 -19.57 9.62 13.81
C HIS A 691 -18.31 10.14 13.06
N VAL A 692 -18.18 9.80 11.77
CA VAL A 692 -16.95 10.13 11.05
C VAL A 692 -17.31 10.87 9.80
N ASP A 693 -16.75 12.06 9.65
CA ASP A 693 -17.21 12.97 8.62
C ASP A 693 -16.01 13.29 7.75
N PHE A 694 -15.97 12.62 6.60
CA PHE A 694 -14.82 12.77 5.72
C PHE A 694 -14.76 14.16 5.08
N ASP A 695 -15.89 14.84 4.85
CA ASP A 695 -15.79 16.22 4.34
CA ASP A 695 -15.83 16.21 4.35
C ASP A 695 -15.18 17.11 5.40
N GLN A 696 -15.55 16.92 6.65
CA GLN A 696 -15.01 17.76 7.71
C GLN A 696 -13.50 17.55 7.80
N MET A 697 -13.07 16.28 7.76
CA MET A 697 -11.63 16.04 7.77
C MET A 697 -10.91 16.67 6.57
N ASN A 698 -11.55 16.68 5.41
CA ASN A 698 -10.96 17.39 4.26
C ASN A 698 -10.90 18.91 4.50
N MET A 699 -11.86 19.46 5.23
CA MET A 699 -11.80 20.91 5.57
C MET A 699 -10.58 21.16 6.47
N ARG A 700 -10.33 20.26 7.40
CA ARG A 700 -9.11 20.40 8.22
C ARG A 700 -7.86 20.22 7.38
N THR A 701 -7.86 19.27 6.45
CA THR A 701 -6.71 19.14 5.54
C THR A 701 -6.48 20.47 4.83
N LEU A 702 -7.55 21.10 4.34
CA LEU A 702 -7.34 22.38 3.61
C LEU A 702 -6.83 23.44 4.56
N ARG A 703 -7.39 23.56 5.76
CA ARG A 703 -6.87 24.55 6.71
C ARG A 703 -5.41 24.33 7.04
N ASN A 704 -5.06 23.05 7.23
CA ASN A 704 -3.68 22.77 7.62
C ASN A 704 -2.69 22.93 6.46
N THR A 705 -3.16 22.72 5.24
CA THR A 705 -2.38 23.02 4.02
C THR A 705 -2.19 24.55 3.88
N LEU A 706 -3.27 25.30 4.00
CA LEU A 706 -3.18 26.76 3.95
C LEU A 706 -2.27 27.32 5.07
N LEU A 707 -2.36 26.76 6.28
CA LEU A 707 -1.54 27.28 7.36
C LEU A 707 -0.06 27.02 7.07
N SER A 708 0.25 25.85 6.47
CA SER A 708 1.65 25.57 6.09
C SER A 708 2.14 26.59 5.04
N LEU A 709 1.32 26.85 4.03
CA LEU A 709 1.69 27.88 3.00
C LEU A 709 1.92 29.24 3.67
N LEU A 710 1.03 29.66 4.57
CA LEU A 710 1.14 30.97 5.21
C LEU A 710 2.35 31.04 6.14
N SER A 711 2.67 29.93 6.79
CA SER A 711 3.78 29.90 7.73
C SER A 711 5.10 29.97 7.00
N LYS A 712 5.24 29.21 5.91
CA LYS A 712 6.48 29.28 5.11
C LYS A 712 6.66 30.70 4.60
N ALA A 713 5.53 31.31 4.26
CA ALA A 713 5.54 32.66 3.72
C ALA A 713 5.83 33.78 4.77
N GLN A 714 5.78 33.46 6.08
CA GLN A 714 5.95 34.43 7.16
C GLN A 714 4.91 35.51 7.03
N TYR A 715 3.69 35.07 6.68
CA TYR A 715 2.56 35.96 6.63
C TYR A 715 2.44 36.69 7.93
N PRO A 716 2.13 38.01 7.88
CA PRO A 716 2.21 38.80 9.10
C PRO A 716 1.40 38.24 10.24
N ASN A 717 2.04 38.16 11.40
CA ASN A 717 1.43 37.66 12.65
C ASN A 717 0.82 36.27 12.59
N ILE A 718 1.20 35.47 11.60
CA ILE A 718 0.66 34.10 11.52
C ILE A 718 1.04 33.24 12.72
N LEU A 719 2.11 33.61 13.45
CA LEU A 719 2.49 32.83 14.64
C LEU A 719 1.36 32.85 15.64
N ASN A 720 0.57 33.92 15.67
CA ASN A 720 -0.59 33.96 16.56
C ASN A 720 -1.51 32.81 16.22
N GLU A 721 -1.71 32.59 14.91
CA GLU A 721 -2.64 31.54 14.48
C GLU A 721 -2.06 30.18 14.82
N ILE A 722 -0.75 30.05 14.68
CA ILE A 722 -0.08 28.80 14.95
C ILE A 722 -0.26 28.41 16.42
N ILE A 723 -0.05 29.40 17.30
CA ILE A 723 -0.16 29.15 18.72
C ILE A 723 -1.59 28.78 19.10
N GLU A 724 -2.58 29.46 18.55
CA GLU A 724 -3.97 29.09 18.81
C GLU A 724 -4.31 27.72 18.29
N HIS A 725 -3.81 27.39 17.10
CA HIS A 725 -3.98 26.05 16.51
C HIS A 725 -3.41 24.92 17.41
N SER A 726 -2.31 25.20 18.11
CA SER A 726 -1.72 24.20 19.04
C SER A 726 -2.65 23.87 20.20
N LYS A 727 -3.65 24.71 20.46
CA LYS A 727 -4.65 24.45 21.51
C LYS A 727 -5.87 23.64 21.07
N SER A 728 -5.97 23.32 19.77
CA SER A 728 -7.11 22.55 19.25
C SER A 728 -7.16 21.15 19.88
N PRO A 729 -8.37 20.62 20.12
CA PRO A 729 -8.47 19.23 20.59
C PRO A 729 -8.13 18.17 19.53
N TYR A 730 -8.07 18.53 18.24
CA TYR A 730 -7.75 17.54 17.19
C TYR A 730 -6.27 17.38 16.94
N PRO A 731 -5.70 16.16 17.05
CA PRO A 731 -4.27 15.96 16.81
C PRO A 731 -3.85 16.37 15.41
N SER A 732 -4.67 16.21 14.38
CA SER A 732 -4.28 16.76 13.07
C SER A 732 -3.93 18.23 13.17
N ASN A 733 -4.67 18.96 13.97
CA ASN A 733 -4.37 20.38 14.11
C ASN A 733 -3.18 20.65 15.03
N TRP A 734 -3.15 20.05 16.21
CA TRP A 734 -2.03 20.44 17.08
C TRP A 734 -0.68 19.84 16.61
N LEU A 735 -0.68 18.71 15.90
CA LEU A 735 0.59 18.28 15.29
C LEU A 735 0.96 19.14 14.10
N THR A 736 -0.04 19.60 13.31
CA THR A 736 0.28 20.60 12.28
C THR A 736 0.91 21.83 12.90
N SER A 737 0.41 22.28 14.06
CA SER A 737 1.03 23.46 14.70
C SER A 737 2.54 23.23 15.00
N LEU A 738 2.94 22.01 15.40
CA LEU A 738 4.37 21.71 15.53
C LEU A 738 5.10 21.86 14.19
N SER A 739 4.60 21.17 13.16
CA SER A 739 5.25 21.24 11.87
CA SER A 739 5.17 21.24 11.81
C SER A 739 5.42 22.68 11.31
N VAL A 740 4.36 23.47 11.32
CA VAL A 740 4.48 24.79 10.70
C VAL A 740 5.24 25.76 11.60
N SER A 741 5.35 25.47 12.92
CA SER A 741 6.14 26.33 13.79
C SER A 741 7.63 26.18 13.54
N ALA A 742 8.01 25.24 12.66
CA ALA A 742 9.44 25.06 12.31
C ALA A 742 10.10 26.36 11.80
N TYR A 743 9.28 27.23 11.20
CA TYR A 743 9.71 28.51 10.64
C TYR A 743 9.79 29.64 11.67
N PHE A 744 9.62 29.30 12.94
CA PHE A 744 9.56 30.29 14.01
C PHE A 744 10.37 29.93 15.24
N ASP A 745 10.66 30.92 16.08
CA ASP A 745 11.43 30.63 17.30
C ASP A 745 10.65 29.81 18.32
N LYS A 746 9.36 29.56 18.08
CA LYS A 746 8.53 28.83 19.01
C LYS A 746 8.57 27.31 18.82
N TYR A 747 9.36 26.85 17.84
CA TYR A 747 9.37 25.42 17.48
C TYR A 747 9.62 24.51 18.68
N PHE A 748 10.68 24.74 19.44
CA PHE A 748 10.95 23.80 20.52
C PHE A 748 9.98 23.91 21.68
N GLU A 749 9.40 25.09 21.87
CA GLU A 749 8.28 25.19 22.82
C GLU A 749 7.11 24.26 22.37
N LEU A 750 6.78 24.30 21.10
CA LEU A 750 5.71 23.42 20.64
C LEU A 750 6.11 21.94 20.60
N TYR A 751 7.39 21.71 20.33
CA TYR A 751 7.95 20.37 20.40
C TYR A 751 7.69 19.77 21.77
N ASP A 752 8.00 20.51 22.84
CA ASP A 752 7.77 20.01 24.20
C ASP A 752 6.27 19.84 24.52
N LYS A 753 5.45 20.81 24.10
CA LYS A 753 4.03 20.76 24.41
CA LYS A 753 4.02 20.76 24.40
C LYS A 753 3.40 19.56 23.76
N THR A 754 3.69 19.39 22.48
CA THR A 754 3.04 18.31 21.73
C THR A 754 3.64 16.97 22.17
N TYR A 755 4.92 16.92 22.58
CA TYR A 755 5.44 15.65 23.11
C TYR A 755 4.66 15.20 24.36
N LYS A 756 4.45 16.16 25.25
CA LYS A 756 3.71 15.87 26.45
C LYS A 756 2.30 15.38 26.14
N LEU A 757 1.67 15.98 25.13
CA LEU A 757 0.35 15.51 24.68
C LEU A 757 0.36 14.12 24.05
N SER A 758 1.50 13.70 23.50
CA SER A 758 1.61 12.44 22.74
C SER A 758 2.17 11.27 23.50
N LYS A 759 2.95 11.54 24.55
CA LYS A 759 3.81 10.51 25.09
C LYS A 759 3.09 9.31 25.75
N ASP A 760 1.82 9.47 26.10
CA ASP A 760 1.13 8.40 26.86
C ASP A 760 0.20 7.55 26.01
N ASP A 761 0.22 7.75 24.69
CA ASP A 761 -0.51 6.89 23.77
C ASP A 761 0.51 6.37 22.76
N GLU A 762 0.71 5.05 22.72
CA GLU A 762 1.74 4.47 21.88
C GLU A 762 1.69 4.99 20.42
N LEU A 763 0.48 5.02 19.86
CA LEU A 763 0.32 5.36 18.45
C LEU A 763 0.43 6.84 18.21
N LEU A 764 -0.12 7.63 19.12
CA LEU A 764 0.02 9.09 19.04
C LEU A 764 1.51 9.50 19.11
N LEU A 765 2.29 8.85 19.96
CA LEU A 765 3.71 9.18 20.04
C LEU A 765 4.38 8.88 18.72
N GLN A 766 3.99 7.78 18.04
CA GLN A 766 4.54 7.51 16.71
C GLN A 766 4.18 8.60 15.71
N GLU A 767 2.96 9.15 15.81
CA GLU A 767 2.57 10.24 14.94
C GLU A 767 3.37 11.49 15.28
N TRP A 768 3.61 11.75 16.57
CA TRP A 768 4.50 12.86 16.97
C TRP A 768 5.91 12.66 16.37
N LEU A 769 6.44 11.44 16.48
CA LEU A 769 7.76 11.15 15.88
C LEU A 769 7.79 11.47 14.39
N LYS A 770 6.77 11.07 13.65
CA LYS A 770 6.68 11.38 12.23
C LYS A 770 6.66 12.90 11.97
N THR A 771 5.95 13.63 12.83
CA THR A 771 5.83 15.07 12.67
C THR A 771 7.17 15.78 12.87
N VAL A 772 7.92 15.32 13.87
CA VAL A 772 9.25 15.84 14.13
C VAL A 772 10.15 15.49 12.94
N SER A 773 10.10 14.21 12.54
CA SER A 773 10.96 13.72 11.44
C SER A 773 10.79 14.57 10.17
N ARG A 774 9.56 14.98 9.86
CA ARG A 774 9.27 15.66 8.59
CA ARG A 774 9.32 15.65 8.59
C ARG A 774 9.37 17.18 8.77
N SER A 775 9.72 17.64 9.99
CA SER A 775 9.79 19.08 10.25
C SER A 775 10.81 19.76 9.33
N ASP A 776 10.45 20.91 8.78
CA ASP A 776 11.37 21.63 7.90
C ASP A 776 12.34 22.52 8.69
N ARG A 777 13.32 21.85 9.28
CA ARG A 777 14.25 22.42 10.23
C ARG A 777 15.66 22.36 9.67
N LYS A 778 16.40 23.46 9.83
CA LYS A 778 17.78 23.48 9.40
C LYS A 778 18.61 22.59 10.32
N ASP A 779 18.19 22.46 11.58
CA ASP A 779 18.89 21.59 12.55
C ASP A 779 18.26 20.19 12.64
N ILE A 780 17.63 19.72 11.56
CA ILE A 780 16.99 18.39 11.56
C ILE A 780 17.96 17.23 11.89
N TYR A 781 19.24 17.30 11.50
CA TYR A 781 20.14 16.18 11.86
C TYR A 781 20.35 16.15 13.38
N GLU A 782 20.46 17.31 13.99
CA GLU A 782 20.62 17.39 15.44
C GLU A 782 19.32 16.89 16.12
N ILE A 783 18.18 17.27 15.53
CA ILE A 783 16.88 16.83 16.07
C ILE A 783 16.73 15.32 15.99
N LEU A 784 17.13 14.71 14.88
CA LEU A 784 17.04 13.26 14.80
C LEU A 784 17.95 12.59 15.79
N LYS A 785 19.09 13.22 16.10
CA LYS A 785 19.98 12.59 17.07
C LYS A 785 19.31 12.59 18.46
N LYS A 786 18.64 13.69 18.77
CA LYS A 786 17.88 13.79 20.02
C LYS A 786 16.76 12.74 20.07
N LEU A 787 16.09 12.49 18.93
CA LEU A 787 15.00 11.51 18.93
C LEU A 787 15.59 10.14 19.23
N GLU A 788 16.73 9.86 18.60
CA GLU A 788 17.41 8.58 18.81
C GLU A 788 17.77 8.39 20.28
N ASN A 789 18.36 9.42 20.89
CA ASN A 789 18.85 9.29 22.26
C ASN A 789 17.76 9.33 23.30
N GLU A 790 16.69 10.08 23.03
CA GLU A 790 15.69 10.36 24.07
C GLU A 790 14.41 9.55 23.92
N VAL A 791 14.08 9.12 22.70
CA VAL A 791 12.80 8.48 22.53
C VAL A 791 12.92 7.11 21.86
N LEU A 792 13.57 7.05 20.69
CA LEU A 792 13.65 5.79 19.92
C LEU A 792 14.53 4.78 20.64
N LYS A 793 15.73 5.19 21.02
CA LYS A 793 16.71 4.29 21.63
C LYS A 793 16.87 2.98 20.83
N ASP A 794 16.80 1.84 21.52
CA ASP A 794 17.07 0.59 20.84
C ASP A 794 15.78 -0.16 20.51
N SER A 795 14.65 0.56 20.40
CA SER A 795 13.39 -0.07 19.99
C SER A 795 13.57 -0.91 18.71
N LYS A 796 12.97 -2.11 18.74
CA LYS A 796 12.87 -2.95 17.53
C LYS A 796 11.46 -2.90 16.96
N ASN A 797 10.64 -1.97 17.45
CA ASN A 797 9.27 -1.81 16.92
C ASN A 797 9.32 -1.16 15.51
N PRO A 798 8.81 -1.84 14.47
CA PRO A 798 8.87 -1.28 13.12
C PRO A 798 8.20 0.07 13.07
N ASN A 799 7.08 0.25 13.80
CA ASN A 799 6.43 1.55 13.68
C ASN A 799 7.32 2.68 14.22
N ASP A 800 8.08 2.37 15.25
CA ASP A 800 8.98 3.40 15.86
C ASP A 800 10.08 3.80 14.87
N ILE A 801 10.72 2.78 14.31
CA ILE A 801 11.84 3.00 13.43
C ILE A 801 11.38 3.70 12.14
N ARG A 802 10.30 3.22 11.54
CA ARG A 802 9.78 3.90 10.33
C ARG A 802 9.36 5.33 10.64
N ALA A 803 8.79 5.58 11.83
CA ALA A 803 8.31 6.95 12.15
C ALA A 803 9.50 7.94 12.24
N VAL A 804 10.61 7.47 12.82
CA VAL A 804 11.72 8.41 13.04
C VAL A 804 12.40 8.72 11.72
N TYR A 805 12.49 7.76 10.84
CA TYR A 805 13.39 7.95 9.69
C TYR A 805 12.72 8.19 8.35
N LEU A 806 11.62 7.52 8.04
CA LEU A 806 11.10 7.67 6.68
C LEU A 806 10.62 9.08 6.36
N PRO A 807 9.91 9.77 7.26
CA PRO A 807 9.46 11.13 6.82
C PRO A 807 10.61 12.08 6.49
N PHE A 808 11.67 11.99 7.27
CA PHE A 808 12.90 12.74 7.04
C PHE A 808 13.46 12.48 5.65
N THR A 809 13.34 11.23 5.16
CA THR A 809 13.93 10.96 3.85
C THR A 809 13.18 11.68 2.71
N ASN A 810 12.06 12.30 2.99
CA ASN A 810 11.35 13.09 1.98
C ASN A 810 11.71 14.57 2.04
N ASN A 811 12.63 14.90 2.96
CA ASN A 811 13.12 16.29 3.07
C ASN A 811 14.11 16.53 1.93
N LEU A 812 13.61 17.20 0.88
CA LEU A 812 14.38 17.32 -0.36
C LEU A 812 15.71 18.00 -0.18
N ARG A 813 15.75 19.12 0.57
CA ARG A 813 16.98 19.84 0.82
C ARG A 813 17.96 19.14 1.73
N ARG A 814 17.45 18.50 2.79
CA ARG A 814 18.32 18.04 3.83
C ARG A 814 18.69 16.54 3.74
N PHE A 815 17.73 15.67 3.39
CA PHE A 815 18.06 14.28 3.25
C PHE A 815 19.12 14.15 2.16
N HIS A 816 18.98 14.97 1.10
CA HIS A 816 19.92 14.91 -0.03
C HIS A 816 21.06 15.90 0.09
N ASP A 817 21.38 16.27 1.33
CA ASP A 817 22.55 17.10 1.56
C ASP A 817 23.75 16.55 0.75
N ILE A 818 24.40 17.46 0.02
CA ILE A 818 25.48 17.05 -0.90
C ILE A 818 26.70 16.35 -0.21
N SER A 819 26.86 16.44 1.11
CA SER A 819 27.88 15.66 1.82
C SER A 819 27.66 14.14 1.78
N GLY A 820 26.41 13.77 1.54
CA GLY A 820 26.00 12.38 1.59
C GLY A 820 25.62 11.94 3.01
N LYS A 821 25.59 12.88 3.97
CA LYS A 821 25.35 12.51 5.38
C LYS A 821 23.95 11.87 5.61
N GLY A 822 22.93 12.28 4.85
CA GLY A 822 21.59 11.66 4.96
C GLY A 822 21.60 10.25 4.43
N TYR A 823 22.30 10.01 3.32
CA TYR A 823 22.40 8.68 2.77
C TYR A 823 23.14 7.75 3.74
N LYS A 824 24.20 8.28 4.38
CA LYS A 824 25.00 7.55 5.33
C LYS A 824 24.14 7.18 6.50
N LEU A 825 23.36 8.15 6.97
CA LEU A 825 22.52 7.87 8.17
C LEU A 825 21.51 6.79 7.89
N ILE A 826 20.75 6.89 6.79
CA ILE A 826 19.73 5.87 6.52
C ILE A 826 20.40 4.50 6.23
N ALA A 827 21.53 4.47 5.55
CA ALA A 827 22.23 3.19 5.35
C ALA A 827 22.65 2.55 6.68
N GLU A 828 23.09 3.35 7.63
CA GLU A 828 23.43 2.81 8.95
C GLU A 828 22.19 2.19 9.59
N VAL A 829 21.05 2.87 9.49
CA VAL A 829 19.82 2.34 10.08
C VAL A 829 19.39 1.06 9.37
N ILE A 830 19.53 1.03 8.04
CA ILE A 830 19.14 -0.17 7.30
C ILE A 830 19.97 -1.37 7.75
N THR A 831 21.28 -1.21 7.85
CA THR A 831 22.15 -2.31 8.20
C THR A 831 21.89 -2.75 9.65
N LYS A 832 21.64 -1.77 10.51
CA LYS A 832 21.31 -2.08 11.91
C LYS A 832 20.02 -2.88 12.01
N THR A 833 19.00 -2.46 11.27
CA THR A 833 17.67 -3.11 11.33
C THR A 833 17.74 -4.48 10.71
N ASP A 834 18.60 -4.65 9.70
CA ASP A 834 18.71 -5.92 8.98
C ASP A 834 19.17 -7.07 9.90
N LYS A 835 19.89 -6.74 10.98
CA LYS A 835 20.35 -7.75 11.92
C LYS A 835 19.17 -8.50 12.56
N PHE A 836 18.03 -7.84 12.70
CA PHE A 836 16.90 -8.48 13.36
C PHE A 836 15.60 -8.49 12.55
N ASN A 837 15.46 -7.64 11.53
CA ASN A 837 14.21 -7.64 10.74
C ASN A 837 14.51 -7.27 9.28
N PRO A 838 14.85 -8.26 8.44
CA PRO A 838 15.19 -7.99 7.04
C PRO A 838 14.08 -7.32 6.27
N MET A 839 12.83 -7.66 6.60
CA MET A 839 11.74 -7.07 5.83
C MET A 839 11.68 -5.57 6.07
N VAL A 840 11.80 -5.14 7.33
CA VAL A 840 11.77 -3.70 7.61
C VAL A 840 13.04 -2.99 7.11
N ALA A 841 14.18 -3.67 7.16
CA ALA A 841 15.40 -3.13 6.53
C ALA A 841 15.17 -2.83 5.05
N THR A 842 14.51 -3.71 4.33
CA THR A 842 14.23 -3.47 2.91
CA THR A 842 14.29 -3.41 2.91
C THR A 842 13.26 -2.30 2.71
N GLN A 843 12.25 -2.18 3.61
CA GLN A 843 11.39 -1.01 3.53
C GLN A 843 12.17 0.28 3.70
N LEU A 844 13.17 0.28 4.57
CA LEU A 844 13.95 1.47 4.87
C LEU A 844 14.86 1.83 3.69
N CYS A 845 14.98 0.94 2.70
CA CYS A 845 15.73 1.27 1.47
C CYS A 845 14.98 2.17 0.50
N GLU A 846 13.71 2.45 0.80
CA GLU A 846 12.88 3.15 -0.19
CA GLU A 846 12.84 3.21 -0.12
C GLU A 846 13.52 4.43 -0.79
N PRO A 847 14.19 5.30 0.01
CA PRO A 847 14.76 6.49 -0.67
C PRO A 847 15.83 6.21 -1.69
N PHE A 848 16.47 5.06 -1.65
CA PHE A 848 17.51 4.75 -2.61
C PHE A 848 16.89 4.30 -3.95
N LYS A 849 15.58 4.13 -4.03
CA LYS A 849 14.97 3.59 -5.25
C LYS A 849 15.18 4.53 -6.45
N LEU A 850 15.32 5.81 -6.17
CA LEU A 850 15.51 6.78 -7.27
C LEU A 850 16.99 7.13 -7.54
N TRP A 851 17.92 6.35 -7.02
CA TRP A 851 19.32 6.74 -7.00
C TRP A 851 19.84 7.11 -8.41
N ASN A 852 19.45 6.33 -9.42
CA ASN A 852 20.11 6.57 -10.71
C ASN A 852 19.37 7.67 -11.49
N LYS A 853 18.42 8.36 -10.82
CA LYS A 853 17.72 9.47 -11.45
CA LYS A 853 17.71 9.49 -11.43
C LYS A 853 18.24 10.82 -10.99
N LEU A 854 19.17 10.81 -10.05
CA LEU A 854 19.66 12.06 -9.49
C LEU A 854 20.86 12.57 -10.27
N ASP A 855 21.33 13.76 -9.87
CA ASP A 855 22.54 14.31 -10.47
C ASP A 855 23.74 13.42 -10.21
N THR A 856 24.82 13.57 -10.98
CA THR A 856 25.83 12.52 -10.91
C THR A 856 26.56 12.44 -9.59
N LYS A 857 26.68 13.55 -8.86
CA LYS A 857 27.32 13.46 -7.56
C LYS A 857 26.46 12.65 -6.55
N ARG A 858 25.19 12.94 -6.51
CA ARG A 858 24.32 12.24 -5.59
C ARG A 858 24.13 10.78 -6.01
N GLN A 859 24.12 10.51 -7.30
CA GLN A 859 24.16 9.10 -7.73
C GLN A 859 25.34 8.38 -7.14
N GLU A 860 26.53 8.99 -7.22
CA GLU A 860 27.75 8.37 -6.73
C GLU A 860 27.64 8.14 -5.21
N LEU A 861 27.14 9.13 -4.50
CA LEU A 861 27.04 9.02 -3.04
C LEU A 861 26.05 7.93 -2.61
N MET A 862 24.91 7.85 -3.26
CA MET A 862 23.96 6.79 -2.94
C MET A 862 24.49 5.42 -3.27
N LEU A 863 25.12 5.30 -4.43
CA LEU A 863 25.69 4.01 -4.87
C LEU A 863 26.74 3.56 -3.90
N ASN A 864 27.56 4.49 -3.44
CA ASN A 864 28.57 4.12 -2.44
CA ASN A 864 28.57 4.13 -2.44
C ASN A 864 27.98 3.52 -1.16
N GLU A 865 26.89 4.12 -0.67
CA GLU A 865 26.22 3.59 0.54
C GLU A 865 25.59 2.24 0.24
N MET A 866 24.96 2.07 -0.92
CA MET A 866 24.43 0.76 -1.24
C MET A 866 25.52 -0.30 -1.35
N ASN A 867 26.68 0.03 -1.93
CA ASN A 867 27.75 -0.94 -2.01
C ASN A 867 28.32 -1.24 -0.64
N THR A 868 28.36 -0.24 0.23
CA THR A 868 28.78 -0.46 1.64
C THR A 868 27.83 -1.45 2.36
N MET A 869 26.54 -1.24 2.14
CA MET A 869 25.54 -2.16 2.73
C MET A 869 25.69 -3.55 2.18
N LEU A 870 25.98 -3.63 0.87
CA LEU A 870 26.12 -4.93 0.20
C LEU A 870 27.32 -5.70 0.67
N GLN A 871 28.32 -4.98 1.15
CA GLN A 871 29.52 -5.65 1.63
C GLN A 871 29.47 -6.08 3.08
N GLU A 872 28.35 -5.81 3.76
CA GLU A 872 28.27 -6.25 5.16
C GLU A 872 28.25 -7.75 5.22
N PRO A 873 29.17 -8.33 6.01
CA PRO A 873 29.24 -9.79 6.01
C PRO A 873 27.99 -10.47 6.50
N GLN A 874 27.21 -9.84 7.37
CA GLN A 874 26.05 -10.49 7.92
C GLN A 874 24.75 -10.13 7.19
N ILE A 875 24.83 -9.60 5.96
CA ILE A 875 23.60 -9.11 5.27
C ILE A 875 22.59 -10.24 5.01
N SER A 876 21.29 -9.93 5.21
CA SER A 876 20.24 -10.92 5.02
C SER A 876 20.08 -11.27 3.54
N ASN A 877 19.51 -12.42 3.26
CA ASN A 877 19.21 -12.72 1.86
C ASN A 877 18.24 -11.70 1.24
N ASN A 878 17.24 -11.24 1.99
CA ASN A 878 16.27 -10.32 1.44
C ASN A 878 16.91 -9.00 1.07
N LEU A 879 17.75 -8.46 1.98
CA LEU A 879 18.35 -7.14 1.70
C LEU A 879 19.37 -7.24 0.57
N LYS A 880 20.14 -8.33 0.54
CA LYS A 880 21.11 -8.54 -0.53
C LYS A 880 20.42 -8.63 -1.87
N GLU A 881 19.36 -9.43 -2.00
CA GLU A 881 18.62 -9.54 -3.27
C GLU A 881 18.14 -8.18 -3.71
N TYR A 882 17.58 -7.42 -2.77
CA TYR A 882 16.96 -6.16 -3.12
C TYR A 882 18.02 -5.18 -3.63
N LEU A 883 19.15 -5.12 -2.93
CA LEU A 883 20.18 -4.15 -3.31
C LEU A 883 20.91 -4.60 -4.55
N LEU A 884 21.04 -5.91 -4.79
CA LEU A 884 21.68 -6.36 -6.04
C LEU A 884 20.81 -5.98 -7.24
N ARG A 885 19.49 -6.15 -7.10
CA ARG A 885 18.59 -5.72 -8.18
C ARG A 885 18.61 -4.23 -8.35
N LEU A 886 18.59 -3.48 -7.26
CA LEU A 886 18.46 -2.02 -7.37
C LEU A 886 19.71 -1.39 -7.99
N THR A 887 20.86 -1.99 -7.76
CA THR A 887 22.13 -1.47 -8.28
C THR A 887 22.53 -2.11 -9.59
N ASN A 888 21.64 -2.86 -10.22
CA ASN A 888 21.95 -3.44 -11.52
C ASN A 888 23.24 -4.26 -11.44
N LYS A 889 23.44 -5.00 -10.34
CA LYS A 889 24.68 -5.77 -10.17
C LYS A 889 24.43 -7.21 -10.58
ZN ZN B . -3.90 -8.01 0.78
C2 TOD C . -3.02 -3.00 2.40
C3 TOD C . -2.19 -2.25 1.35
C4 TOD C . -2.60 -4.34 3.10
C5 TOD C . -1.14 -4.83 2.99
C6 TOD C . -1.16 -6.20 3.57
C7 TOD C . -2.11 -7.12 2.80
C10 TOD C . 2.28 -1.79 4.72
C11 TOD C . 3.28 -2.25 3.92
C12 TOD C . 4.57 -2.01 4.41
C14 TOD C . 3.78 -0.87 6.44
C16 TOD C . 0.47 -0.55 3.67
O6 TOD C . 0.65 -0.54 2.31
O5 TOD C . -0.09 0.36 4.27
C9 TOD C . 0.92 -1.86 4.37
C15 TOD C . 2.51 -1.07 5.92
C13 TOD C . 4.80 -1.36 5.63
N2 TOD C . 0.32 -2.84 3.40
C8 TOD C . -0.46 -3.79 3.89
O4 TOD C . -0.57 -3.98 5.12
C1 TOD C . -4.34 -2.35 2.85
O3 TOD C . 0.16 -6.76 3.35
O1 TOD C . -2.14 -7.26 1.55
N1 TOD C . -2.99 -7.68 3.62
O2 TOD C . -3.87 -8.55 2.91
MG MG D . 14.87 -21.43 16.12
MG MG E . 6.48 0.48 22.33
C1 GOL F . 2.77 -10.43 4.92
O1 GOL F . 1.41 -10.42 5.10
C2 GOL F . 3.05 -10.52 3.47
O2 GOL F . 4.46 -10.77 3.42
C3 GOL F . 3.00 -9.07 3.04
O3 GOL F . 4.32 -8.63 3.28
C1 GOL G . -14.57 14.08 11.83
O1 GOL G . -14.79 12.69 11.59
C2 GOL G . -14.62 14.37 13.34
O2 GOL G . -14.21 15.68 13.56
C3 GOL G . -16.09 14.23 13.83
O3 GOL G . -16.08 14.51 15.23
C1 GOL H . 1.70 21.64 0.17
O1 GOL H . 0.79 22.67 -0.12
C2 GOL H . 2.98 22.27 0.69
O2 GOL H . 4.05 21.37 0.51
C3 GOL H . 2.80 22.55 2.18
O3 GOL H . 1.42 22.73 2.41
C1 GOL I . 8.90 8.74 -17.74
O1 GOL I . 9.95 7.94 -17.25
C2 GOL I . 9.42 9.80 -18.71
O2 GOL I . 9.33 9.29 -20.02
C3 GOL I . 8.64 11.10 -18.55
O3 GOL I . 7.74 11.31 -19.62
C1 GOL J . 10.05 -3.67 0.45
O1 GOL J . 9.68 -2.32 0.32
C2 GOL J . 9.30 -4.51 -0.56
O2 GOL J . 10.18 -4.75 -1.63
C3 GOL J . 8.13 -3.68 -1.09
O3 GOL J . 8.64 -2.76 -2.01
C1 GOL K . -17.77 29.93 -20.10
O1 GOL K . -16.96 28.77 -20.11
C2 GOL K . -19.00 29.62 -19.26
O2 GOL K . -18.82 28.34 -18.67
C3 GOL K . -19.01 30.64 -18.15
O3 GOL K . -17.77 30.57 -17.49
C1 GOL L . -0.14 17.25 -8.61
O1 GOL L . -0.53 15.94 -8.77
C2 GOL L . -1.19 18.05 -7.87
O2 GOL L . -1.07 17.93 -6.44
C3 GOL L . -0.85 19.47 -8.31
O3 GOL L . -1.99 20.25 -8.09
C1 GOL M . 1.45 -2.13 -0.13
O1 GOL M . 1.40 -3.12 0.87
C2 GOL M . 2.35 -2.66 -1.22
O2 GOL M . 2.72 -3.95 -0.83
C3 GOL M . 3.59 -1.81 -1.29
O3 GOL M . 3.19 -0.47 -1.47
MG MG N . -27.46 -4.29 4.30
MG MG O . 19.08 -4.56 -13.66
#